data_4KMQ
#
_entry.id   4KMQ
#
_cell.length_a   164.858
_cell.length_b   102.359
_cell.length_c   74.334
_cell.angle_alpha   90.00
_cell.angle_beta   104.86
_cell.angle_gamma   90.00
#
_symmetry.space_group_name_H-M   'C 1 2 1'
#
loop_
_entity.id
_entity.type
_entity.pdbx_description
1 polymer 'Lmo2446 protein'
2 non-polymer 'MAGNESIUM ION'
3 water water
#
_entity_poly.entity_id   1
_entity_poly.type   'polypeptide(L)'
_entity_poly.pdbx_seq_one_letter_code
;(MSE)HHHHHHSSGVDLGTENLYFQSNA(MSE)DGEYHSPYGDDDLYTVQPTERSPRDPKAGEDVILNITTWPIENGQDV
WVEWTKNGVAQENVTAAYDYNSGNNTYWKADLGKFEKGDEITYTTKGSTNGGTAYESGPFTFYVTDWEYVQDVTSVVDNG
DSITLN(MSE)TATAGDFSPKLYLSFEDLDTLR(MSE)ELSPTGKETGHAGKSGYTVEDTAEKVTVTTEDLSIEIQKSPY
R(MSE)EVHQADGTLLTSEYTTANSLGWLTDGKNVINQYQNNF(MSE)TPSDEAFYGFGERYDTINQRGKDVETYVYNEY
QDQAQTERTYLAVPFFVSANKYG(MSE)YVNSDFHSQFQ(MSE)ASKVEDKYSFVLDNDGD(MSE)TN(MSE)LDYYVIS
GKDQNDIVNNYTDITGKTTLLPKWAFGLW(MSE)SANEWDRESDVSSALSNAKANDIPATGFVLEQWSDEETYYIWNNAT
YTAKKNGEAFSYDDFTFNGKWTDPKG(MSE)VDSVHDAG(MSE)NIVLWQVPVLKDDGTVYEQRDNDEEY(MSE)ISQGY
SADDGTGAPYRVPASQWFGNGILLDFTNKDAVDWWTSQREYLLTEVGIDGFKTDGGE(MSE)VWGRDTTFSNGEKGQE
(MSE)RNRYPTDYVSSYFDFAKSINPEAVSFSRSGTSGAQKSGIYWSGDQTSTFDSFQASLKAGLSASTSGVSYWAWD
(MSE)AGFTGDYPTAELYKRATA(MSE)AAFAPI(MSE)QFHSEKSDPSPSEERSPWNAVARTGDETILPTFQKYLYTR
(MSE)NLLPYIYTAAKDTADNGKS(MSE)(MSE)RQ(MSE)A(MSE)DYPEDVNARDLDEQY(MSE)FGDDLLVAPIVQE
GQTEKEVYLPEGEWVDIWNGGVHPGGETISYYADVDTLPVFAKAGAIIP(MSE)N(MSE)TDGYQLGQNVGNDLKSYDNL
TFRVYPSGDSEYSFYDDVNGGE(MSE)RDISVSEDFANEKVSVDLPA(MSE)ADETT(MSE)QVFSTEPTSVTIDGADVA
KADTLDAFNEATTGYYYDTVQNLTYVKAAAKDAKQAIVLNGVNHAPYEAEFGHLTNVTTASDHAGYTGTGFVAGFDAEKE
AVEFDIDAVDGASDYT(MSE)EVRYSAGVEDATRTVYINGKKQQITLPKTANWDTWNTVEVPVTLQAGNNQVVFDFEADD
TAGINFDHVVIKK
;
_entity_poly.pdbx_strand_id   A
#
loop_
_chem_comp.id
_chem_comp.type
_chem_comp.name
_chem_comp.formula
MG non-polymer 'MAGNESIUM ION' 'Mg 2'
#
# COMPACT_ATOMS: atom_id res chain seq x y z
N ASP A 26 22.63 32.29 -33.88
CA ASP A 26 22.70 31.22 -34.93
C ASP A 26 23.23 29.93 -34.36
N GLY A 27 22.73 28.81 -34.87
CA GLY A 27 23.22 27.53 -34.39
C GLY A 27 22.59 26.31 -35.01
N GLU A 28 22.96 25.18 -34.42
CA GLU A 28 22.49 23.88 -34.84
C GLU A 28 22.43 23.03 -33.61
N TYR A 29 21.52 22.07 -33.58
CA TYR A 29 21.47 21.18 -32.43
C TYR A 29 20.80 19.86 -32.69
N HIS A 30 21.44 18.83 -32.15
CA HIS A 30 20.94 17.47 -32.16
C HIS A 30 21.46 16.79 -30.93
N SER A 31 20.60 16.06 -30.24
CA SER A 31 21.00 15.32 -29.05
C SER A 31 20.18 14.02 -29.13
N PRO A 32 20.84 12.91 -29.42
CA PRO A 32 20.12 11.65 -29.71
C PRO A 32 19.08 11.16 -28.73
N TYR A 33 19.34 11.32 -27.44
CA TYR A 33 18.40 10.80 -26.44
C TYR A 33 17.47 11.85 -25.83
N GLY A 34 17.75 13.13 -26.11
CA GLY A 34 16.96 14.21 -25.52
C GLY A 34 17.09 14.10 -24.00
N ASP A 35 15.96 14.11 -23.29
CA ASP A 35 15.96 13.95 -21.83
C ASP A 35 15.77 12.48 -21.45
N ASP A 36 15.76 11.61 -22.44
CA ASP A 36 15.59 10.16 -22.29
C ASP A 36 14.25 9.86 -21.57
N ASP A 37 13.23 10.68 -21.83
CA ASP A 37 11.92 10.52 -21.19
C ASP A 37 11.26 9.30 -21.79
N LEU A 38 10.63 8.50 -20.93
CA LEU A 38 9.98 7.29 -21.41
C LEU A 38 8.76 7.62 -22.27
N TYR A 39 8.04 8.65 -21.90
CA TYR A 39 6.74 8.96 -22.54
C TYR A 39 6.75 9.96 -23.71
N THR A 40 7.75 10.81 -23.78
CA THR A 40 7.81 11.84 -24.83
C THR A 40 9.19 11.94 -25.42
N VAL A 41 9.31 12.70 -26.51
CA VAL A 41 10.59 12.92 -27.13
C VAL A 41 10.80 14.39 -27.31
N GLN A 42 12.04 14.83 -27.23
CA GLN A 42 12.37 16.21 -27.56
C GLN A 42 12.37 16.22 -29.11
N PRO A 43 12.31 17.40 -29.74
CA PRO A 43 12.22 17.41 -31.22
C PRO A 43 13.56 17.32 -32.01
N THR A 44 14.65 16.98 -31.31
CA THR A 44 15.96 16.87 -31.91
C THR A 44 16.66 15.58 -31.50
N GLU A 45 15.89 14.50 -31.42
CA GLU A 45 16.39 13.19 -31.02
C GLU A 45 16.65 12.27 -32.22
N ARG A 46 17.25 11.12 -31.91
CA ARG A 46 17.48 10.08 -32.87
C ARG A 46 16.35 9.08 -32.64
N SER A 47 15.84 8.51 -33.72
CA SER A 47 14.76 7.55 -33.62
C SER A 47 15.05 6.37 -34.54
N PRO A 48 15.09 5.16 -33.98
CA PRO A 48 14.93 4.86 -32.57
C PRO A 48 16.14 5.34 -31.83
N ARG A 49 16.01 5.53 -30.52
CA ARG A 49 17.13 5.96 -29.68
C ARG A 49 18.27 4.94 -29.69
N ASP A 50 17.95 3.65 -29.61
CA ASP A 50 18.95 2.60 -29.60
C ASP A 50 18.56 1.61 -30.72
N PRO A 51 19.06 1.87 -31.92
CA PRO A 51 18.65 1.05 -33.05
C PRO A 51 19.02 -0.41 -33.00
N LYS A 52 18.09 -1.25 -33.44
CA LYS A 52 18.31 -2.66 -33.57
C LYS A 52 18.52 -2.92 -35.07
N ALA A 53 18.98 -4.10 -35.38
CA ALA A 53 19.19 -4.49 -36.75
C ALA A 53 17.89 -4.37 -37.54
N GLY A 54 18.01 -3.82 -38.74
CA GLY A 54 16.86 -3.71 -39.66
C GLY A 54 15.90 -2.54 -39.44
N GLU A 55 16.19 -1.68 -38.48
CA GLU A 55 15.36 -0.51 -38.18
C GLU A 55 15.95 0.73 -38.83
N ASP A 56 15.12 1.50 -39.53
CA ASP A 56 15.57 2.71 -40.21
C ASP A 56 15.91 3.76 -39.15
N VAL A 57 17.08 4.40 -39.25
CA VAL A 57 17.52 5.39 -38.24
C VAL A 57 17.39 6.83 -38.72
N ILE A 58 16.54 7.59 -38.03
CA ILE A 58 16.30 8.99 -38.37
C ILE A 58 16.90 9.92 -37.32
N LEU A 59 17.55 10.98 -37.78
CA LEU A 59 18.13 11.99 -36.91
C LEU A 59 17.34 13.27 -37.09
N ASN A 60 16.77 13.79 -36.01
CA ASN A 60 16.05 15.04 -36.02
C ASN A 60 17.01 16.11 -35.55
N ILE A 61 17.17 17.13 -36.37
CA ILE A 61 18.11 18.19 -36.15
C ILE A 61 17.45 19.54 -36.29
N THR A 62 17.87 20.52 -35.50
CA THR A 62 17.33 21.84 -35.65
C THR A 62 18.42 22.88 -35.95
N THR A 63 18.03 23.94 -36.63
CA THR A 63 18.90 25.08 -36.89
C THR A 63 18.10 26.35 -36.65
N TRP A 64 18.83 27.41 -36.33
CA TRP A 64 18.21 28.73 -36.14
C TRP A 64 19.21 29.83 -36.52
N PRO A 65 18.70 30.99 -36.95
CA PRO A 65 17.28 31.30 -37.14
C PRO A 65 16.77 30.71 -38.46
N ILE A 66 15.49 30.90 -38.78
CA ILE A 66 14.97 30.39 -40.03
C ILE A 66 15.50 31.31 -41.13
N GLU A 67 16.18 30.73 -42.10
CA GLU A 67 16.79 31.48 -43.20
C GLU A 67 16.90 30.63 -44.45
N ASN A 68 16.85 31.28 -45.60
CA ASN A 68 16.99 30.56 -46.85
C ASN A 68 18.49 30.25 -47.04
N GLY A 69 18.80 29.18 -47.78
CA GLY A 69 20.19 28.84 -48.02
C GLY A 69 20.83 27.93 -46.99
N GLN A 70 20.03 27.37 -46.09
CA GLN A 70 20.58 26.46 -45.08
C GLN A 70 20.80 25.04 -45.62
N ASP A 71 21.89 24.45 -45.16
CA ASP A 71 22.26 23.08 -45.49
C ASP A 71 22.49 22.34 -44.19
N VAL A 72 21.90 21.17 -44.08
CA VAL A 72 22.06 20.34 -42.90
C VAL A 72 22.47 18.96 -43.40
N TRP A 73 23.55 18.46 -42.82
CA TRP A 73 24.07 17.17 -43.22
C TRP A 73 24.72 16.44 -42.07
N VAL A 74 25.01 15.16 -42.33
CA VAL A 74 25.58 14.29 -41.34
C VAL A 74 26.90 13.70 -41.87
N GLU A 75 27.96 13.87 -41.11
CA GLU A 75 29.27 13.29 -41.45
C GLU A 75 29.40 12.09 -40.53
N TRP A 76 29.68 10.92 -41.08
CA TRP A 76 29.69 9.72 -40.26
C TRP A 76 30.58 8.60 -40.74
N THR A 77 30.79 7.64 -39.84
CA THR A 77 31.55 6.43 -40.12
C THR A 77 30.73 5.21 -39.74
N LYS A 78 30.94 4.13 -40.49
CA LYS A 78 30.30 2.83 -40.22
C LYS A 78 31.47 1.84 -40.07
N ASN A 79 31.59 1.28 -38.87
CA ASN A 79 32.69 0.33 -38.56
C ASN A 79 34.06 0.96 -38.85
N GLY A 80 34.20 2.25 -38.50
CA GLY A 80 35.43 3.00 -38.68
C GLY A 80 35.69 3.56 -40.07
N VAL A 81 34.84 3.22 -41.04
CA VAL A 81 35.01 3.66 -42.44
C VAL A 81 34.13 4.87 -42.75
N ALA A 82 34.74 5.94 -43.26
CA ALA A 82 33.98 7.14 -43.61
C ALA A 82 32.96 6.85 -44.69
N GLN A 83 31.74 7.30 -44.46
CA GLN A 83 30.65 7.11 -45.40
C GLN A 83 30.40 8.40 -46.14
N GLU A 84 29.60 8.33 -47.19
CA GLU A 84 29.21 9.51 -47.93
C GLU A 84 28.27 10.30 -47.01
N ASN A 85 28.44 11.61 -47.00
CA ASN A 85 27.61 12.48 -46.17
C ASN A 85 26.16 12.26 -46.49
N VAL A 86 25.29 12.33 -45.46
CA VAL A 86 23.84 12.21 -45.65
C VAL A 86 23.25 13.59 -45.48
N THR A 87 22.47 14.05 -46.48
CA THR A 87 21.84 15.37 -46.45
C THR A 87 20.47 15.31 -45.75
N ALA A 88 20.25 16.23 -44.82
CA ALA A 88 18.96 16.30 -44.11
C ALA A 88 17.94 17.05 -44.93
N ALA A 89 16.68 16.64 -44.80
CA ALA A 89 15.60 17.26 -45.54
C ALA A 89 14.77 18.04 -44.54
N TYR A 90 14.22 19.20 -44.95
CA TYR A 90 13.39 19.98 -44.00
C TYR A 90 12.13 19.23 -43.61
N ASP A 91 11.69 19.43 -42.37
CA ASP A 91 10.50 18.75 -41.82
C ASP A 91 9.42 19.79 -41.56
N TYR A 92 9.68 20.71 -40.62
CA TYR A 92 8.76 21.82 -40.34
C TYR A 92 9.53 22.95 -39.66
N ASN A 93 8.93 24.13 -39.64
CA ASN A 93 9.45 25.28 -38.91
C ASN A 93 8.56 25.55 -37.70
N SER A 94 9.19 25.98 -36.61
CA SER A 94 8.44 26.35 -35.41
C SER A 94 9.24 27.41 -34.67
N GLY A 95 8.58 28.54 -34.42
CA GLY A 95 9.21 29.65 -33.73
C GLY A 95 10.32 30.24 -34.58
N ASN A 96 11.52 30.22 -34.00
CA ASN A 96 12.74 30.75 -34.58
C ASN A 96 13.58 29.63 -35.25
N ASN A 97 13.06 28.41 -35.24
CA ASN A 97 13.77 27.25 -35.72
C ASN A 97 13.20 26.45 -36.89
N THR A 98 14.10 25.77 -37.62
CA THR A 98 13.72 24.85 -38.69
C THR A 98 14.09 23.47 -38.18
N TYR A 99 13.22 22.48 -38.39
CA TYR A 99 13.50 21.10 -37.99
C TYR A 99 13.69 20.27 -39.25
N TRP A 100 14.71 19.41 -39.20
CA TRP A 100 15.13 18.56 -40.31
C TRP A 100 15.22 17.10 -39.92
N LYS A 101 15.11 16.22 -40.92
CA LYS A 101 15.26 14.79 -40.75
C LYS A 101 16.34 14.26 -41.71
N ALA A 102 17.34 13.58 -41.14
CA ALA A 102 18.43 12.91 -41.88
C ALA A 102 18.15 11.42 -41.71
N ASP A 103 18.14 10.69 -42.83
CA ASP A 103 17.87 9.28 -42.80
C ASP A 103 19.16 8.49 -43.05
N LEU A 104 19.66 7.83 -42.00
CA LEU A 104 20.88 7.03 -42.10
C LEU A 104 20.64 5.63 -42.67
N GLY A 105 19.36 5.25 -42.79
CA GLY A 105 19.01 3.95 -43.30
C GLY A 105 19.04 2.89 -42.21
N LYS A 106 19.13 1.64 -42.65
CA LYS A 106 19.15 0.49 -41.78
C LYS A 106 20.54 -0.12 -41.62
N PHE A 107 20.73 -0.82 -40.52
CA PHE A 107 22.01 -1.44 -40.19
C PHE A 107 21.89 -2.90 -39.74
N GLU A 108 23.04 -3.58 -39.69
CA GLU A 108 23.11 -4.97 -39.29
C GLU A 108 23.66 -5.06 -37.87
N LYS A 109 23.32 -6.13 -37.19
CA LYS A 109 23.83 -6.39 -35.86
C LYS A 109 25.36 -6.27 -35.92
N GLY A 110 25.95 -5.57 -34.96
CA GLY A 110 27.41 -5.41 -34.90
C GLY A 110 27.91 -4.08 -35.44
N ASP A 111 27.13 -3.43 -36.30
CA ASP A 111 27.57 -2.16 -36.88
C ASP A 111 27.74 -1.10 -35.80
N GLU A 112 28.87 -0.39 -35.88
CA GLU A 112 29.21 0.69 -34.98
C GLU A 112 29.18 1.95 -35.81
N ILE A 113 28.22 2.83 -35.49
CA ILE A 113 27.99 4.04 -36.24
C ILE A 113 28.35 5.26 -35.42
N THR A 114 29.20 6.13 -35.98
CA THR A 114 29.60 7.37 -35.30
C THR A 114 29.30 8.52 -36.24
N TYR A 115 28.57 9.51 -35.75
CA TYR A 115 28.18 10.63 -36.57
C TYR A 115 28.24 11.99 -35.88
N THR A 116 28.31 13.02 -36.71
CA THR A 116 28.32 14.41 -36.34
C THR A 116 27.33 15.11 -37.27
N THR A 117 26.35 15.81 -36.66
CA THR A 117 25.37 16.56 -37.42
C THR A 117 25.92 17.98 -37.58
N LYS A 118 25.67 18.56 -38.74
CA LYS A 118 26.17 19.90 -39.04
C LYS A 118 25.16 20.76 -39.79
N GLY A 119 25.27 22.06 -39.56
CA GLY A 119 24.43 23.05 -40.19
C GLY A 119 25.24 24.27 -40.59
N SER A 120 24.99 24.77 -41.80
N SER A 120 24.97 24.80 -41.79
CA SER A 120 25.67 25.96 -42.35
CA SER A 120 25.65 25.99 -42.28
C SER A 120 24.74 26.71 -43.30
C SER A 120 24.68 26.73 -43.20
N THR A 121 24.91 28.02 -43.40
CA THR A 121 24.06 28.84 -44.27
C THR A 121 24.97 29.52 -45.30
N ASN A 122 24.67 29.26 -46.58
CA ASN A 122 25.45 29.80 -47.71
C ASN A 122 26.93 29.47 -47.62
N GLY A 123 27.22 28.23 -47.25
CA GLY A 123 28.60 27.73 -47.13
C GLY A 123 29.48 28.38 -46.09
N GLY A 124 28.89 29.06 -45.12
CA GLY A 124 29.67 29.72 -44.07
C GLY A 124 29.96 28.82 -42.88
N THR A 125 30.17 29.47 -41.73
CA THR A 125 30.45 28.80 -40.45
C THR A 125 29.53 27.63 -40.18
N ALA A 126 30.09 26.43 -40.08
CA ALA A 126 29.29 25.26 -39.78
C ALA A 126 29.16 25.10 -38.27
N TYR A 127 27.96 24.76 -37.81
CA TYR A 127 27.72 24.51 -36.41
C TYR A 127 27.48 23.04 -36.33
N GLU A 128 27.95 22.37 -35.27
CA GLU A 128 27.81 20.94 -35.22
C GLU A 128 27.46 20.40 -33.86
N SER A 129 27.03 19.15 -33.86
CA SER A 129 26.73 18.43 -32.62
C SER A 129 27.35 17.05 -32.76
N GLY A 130 27.90 16.55 -31.67
CA GLY A 130 28.50 15.23 -31.68
C GLY A 130 29.98 15.30 -31.37
N PRO A 131 30.69 14.22 -31.66
CA PRO A 131 30.18 12.98 -32.29
C PRO A 131 29.35 12.09 -31.36
N PHE A 132 28.46 11.29 -31.93
CA PHE A 132 27.60 10.39 -31.21
C PHE A 132 27.81 9.01 -31.78
N THR A 133 27.81 8.01 -30.92
CA THR A 133 28.01 6.64 -31.36
C THR A 133 26.90 5.73 -30.90
N PHE A 134 26.51 4.83 -31.79
CA PHE A 134 25.57 3.79 -31.40
C PHE A 134 26.03 2.46 -31.97
N TYR A 135 25.71 1.39 -31.23
CA TYR A 135 26.05 0.03 -31.59
C TYR A 135 24.74 -0.74 -31.88
N VAL A 136 24.61 -1.22 -33.10
CA VAL A 136 23.41 -1.91 -33.56
C VAL A 136 23.33 -3.32 -33.00
N THR A 137 22.21 -3.61 -32.35
CA THR A 137 21.99 -4.86 -31.67
C THR A 137 20.93 -5.74 -32.25
N ASP A 138 20.89 -6.98 -31.75
CA ASP A 138 19.82 -7.89 -32.06
C ASP A 138 19.77 -8.88 -30.90
N TRP A 139 18.67 -9.60 -30.77
CA TRP A 139 18.49 -10.55 -29.69
C TRP A 139 19.18 -11.90 -29.87
N GLU A 140 19.71 -12.40 -28.76
CA GLU A 140 20.32 -13.73 -28.68
C GLU A 140 19.61 -14.38 -27.49
N TYR A 141 19.26 -15.64 -27.62
CA TYR A 141 18.57 -16.37 -26.59
C TYR A 141 19.28 -17.64 -26.21
N VAL A 142 18.97 -18.12 -25.02
CA VAL A 142 19.50 -19.37 -24.57
C VAL A 142 18.92 -20.48 -25.45
N GLN A 143 19.77 -21.39 -25.88
CA GLN A 143 19.33 -22.54 -26.66
C GLN A 143 19.23 -23.76 -25.74
N ASP A 144 20.36 -24.43 -25.48
CA ASP A 144 20.37 -25.63 -24.64
C ASP A 144 21.31 -25.57 -23.46
N VAL A 145 21.04 -26.41 -22.47
CA VAL A 145 21.94 -26.55 -21.34
C VAL A 145 22.93 -27.65 -21.77
N THR A 146 24.23 -27.34 -21.82
CA THR A 146 25.21 -28.34 -22.24
C THR A 146 25.81 -29.11 -21.04
N SER A 147 25.88 -28.48 -19.87
CA SER A 147 26.39 -29.16 -18.67
C SER A 147 25.92 -28.42 -17.42
N VAL A 148 25.83 -29.16 -16.31
CA VAL A 148 25.41 -28.62 -15.05
C VAL A 148 26.54 -28.84 -14.07
N VAL A 149 26.95 -27.81 -13.33
CA VAL A 149 27.99 -27.95 -12.31
C VAL A 149 27.35 -27.60 -10.97
N ASP A 150 27.34 -28.56 -10.05
CA ASP A 150 26.79 -28.33 -8.74
C ASP A 150 27.94 -28.01 -7.76
N ASN A 151 27.97 -26.76 -7.30
CA ASN A 151 28.99 -26.25 -6.36
C ASN A 151 28.59 -26.27 -4.89
N GLY A 152 27.48 -26.94 -4.58
CA GLY A 152 27.09 -27.09 -3.18
C GLY A 152 26.20 -25.99 -2.64
N ASP A 153 26.54 -24.75 -2.96
CA ASP A 153 25.75 -23.59 -2.53
C ASP A 153 25.27 -22.75 -3.74
N SER A 154 25.48 -23.31 -4.92
CA SER A 154 25.15 -22.69 -6.20
C SER A 154 25.25 -23.74 -7.31
N ILE A 155 24.42 -23.57 -8.34
CA ILE A 155 24.43 -24.47 -9.50
C ILE A 155 24.65 -23.61 -10.75
N THR A 156 25.61 -24.02 -11.59
CA THR A 156 25.90 -23.35 -12.85
C THR A 156 25.36 -24.17 -14.03
N LEU A 157 24.54 -23.53 -14.86
CA LEU A 157 24.01 -24.15 -16.06
C LEU A 157 24.80 -23.52 -17.25
N ASN A 158 25.67 -24.32 -17.87
CA ASN A 158 26.44 -23.88 -19.03
C ASN A 158 25.51 -24.02 -20.22
N MSE A 159 25.42 -22.98 -21.03
N MSE A 159 25.39 -22.95 -20.99
CA MSE A 159 24.47 -22.96 -22.12
CA MSE A 159 24.44 -22.87 -22.11
C MSE A 159 25.03 -22.58 -23.48
C MSE A 159 25.04 -22.61 -23.48
O MSE A 159 26.11 -22.01 -23.58
O MSE A 159 26.18 -22.18 -23.59
CB MSE A 159 23.38 -21.96 -21.75
CB MSE A 159 23.53 -21.67 -21.86
CG MSE A 159 22.55 -22.41 -20.59
CG MSE A 159 22.88 -21.58 -20.50
SE MSE A 159 21.64 -20.91 -19.75
SE MSE A 159 21.57 -22.96 -20.22
CE MSE A 159 20.23 -21.94 -18.87
CE MSE A 159 20.13 -21.90 -19.54
N THR A 160 24.26 -22.89 -24.51
CA THR A 160 24.58 -22.53 -25.88
C THR A 160 23.57 -21.40 -26.16
N ALA A 161 23.83 -20.59 -27.19
CA ALA A 161 22.96 -19.47 -27.54
C ALA A 161 22.42 -19.68 -28.95
N THR A 162 21.29 -19.08 -29.25
CA THR A 162 20.67 -19.23 -30.57
C THR A 162 21.45 -18.52 -31.67
N ALA A 163 22.27 -17.56 -31.30
CA ALA A 163 23.04 -16.81 -32.27
C ALA A 163 24.21 -16.18 -31.56
N GLY A 164 25.21 -15.74 -32.32
CA GLY A 164 26.38 -15.10 -31.72
C GLY A 164 27.39 -16.07 -31.16
N ASP A 165 28.49 -15.55 -30.63
CA ASP A 165 29.54 -16.43 -30.14
C ASP A 165 29.76 -16.48 -28.61
N PHE A 166 28.77 -16.08 -27.81
CA PHE A 166 28.97 -16.14 -26.36
C PHE A 166 28.80 -17.56 -25.76
N SER A 167 29.26 -17.72 -24.52
CA SER A 167 29.10 -18.98 -23.76
C SER A 167 28.34 -18.63 -22.49
N PRO A 168 27.01 -18.48 -22.59
CA PRO A 168 26.23 -18.08 -21.45
C PRO A 168 26.20 -19.05 -20.27
N LYS A 169 26.06 -18.46 -19.09
CA LYS A 169 25.93 -19.23 -17.87
C LYS A 169 24.77 -18.69 -17.05
N LEU A 170 23.91 -19.59 -16.60
CA LEU A 170 22.81 -19.25 -15.74
C LEU A 170 23.11 -19.87 -14.38
N TYR A 171 23.18 -19.04 -13.35
CA TYR A 171 23.45 -19.49 -12.00
C TYR A 171 22.16 -19.55 -11.18
N LEU A 172 21.99 -20.63 -10.43
CA LEU A 172 20.83 -20.81 -9.57
C LEU A 172 21.32 -20.86 -8.12
N SER A 173 20.58 -20.22 -7.23
CA SER A 173 20.91 -20.22 -5.83
C SER A 173 19.63 -20.01 -5.04
N PHE A 174 19.68 -20.39 -3.77
CA PHE A 174 18.54 -20.26 -2.89
C PHE A 174 18.76 -19.19 -1.83
N GLU A 175 18.00 -18.10 -1.93
CA GLU A 175 18.06 -17.05 -0.93
C GLU A 175 17.51 -17.69 0.35
N ASP A 176 16.56 -18.60 0.17
CA ASP A 176 16.04 -19.43 1.25
C ASP A 176 15.48 -20.65 0.50
N LEU A 177 15.15 -21.70 1.21
CA LEU A 177 14.67 -22.91 0.54
C LEU A 177 13.38 -22.71 -0.30
N ASP A 178 12.66 -21.62 -0.05
CA ASP A 178 11.43 -21.33 -0.78
C ASP A 178 11.58 -20.11 -1.70
N THR A 179 12.82 -19.63 -1.88
CA THR A 179 13.07 -18.44 -2.69
C THR A 179 14.29 -18.67 -3.58
N LEU A 180 14.03 -18.81 -4.89
CA LEU A 180 15.02 -19.11 -5.92
C LEU A 180 15.55 -17.87 -6.63
N ARG A 181 16.87 -17.80 -6.77
CA ARG A 181 17.50 -16.68 -7.44
C ARG A 181 18.16 -17.17 -8.72
N MSE A 182 17.87 -16.46 -9.82
CA MSE A 182 18.46 -16.68 -11.17
C MSE A 182 19.37 -15.52 -11.56
O MSE A 182 18.96 -14.37 -11.49
CB MSE A 182 17.39 -16.77 -12.26
CG MSE A 182 16.95 -18.12 -12.66
SE MSE A 182 16.07 -19.03 -11.24
CE MSE A 182 14.40 -18.01 -11.30
N GLU A 183 20.63 -15.82 -11.90
CA GLU A 183 21.60 -14.81 -12.34
C GLU A 183 22.22 -15.27 -13.66
N LEU A 184 21.97 -14.49 -14.70
CA LEU A 184 22.41 -14.82 -16.05
C LEU A 184 23.57 -13.94 -16.51
N SER A 185 24.64 -14.61 -16.95
CA SER A 185 25.83 -13.95 -17.50
C SER A 185 25.87 -14.39 -18.96
N PRO A 186 25.40 -13.52 -19.87
CA PRO A 186 25.42 -13.90 -21.29
C PRO A 186 26.81 -14.28 -21.83
N THR A 187 27.85 -13.62 -21.35
CA THR A 187 29.20 -13.93 -21.83
C THR A 187 29.82 -15.10 -21.04
N GLY A 188 29.28 -15.34 -19.86
CA GLY A 188 29.80 -16.37 -18.99
C GLY A 188 30.97 -15.88 -18.15
N LYS A 189 31.37 -14.63 -18.31
CA LYS A 189 32.53 -14.07 -17.55
C LYS A 189 32.23 -13.69 -16.08
N GLU A 190 30.96 -13.57 -15.73
CA GLU A 190 30.59 -13.27 -14.36
C GLU A 190 30.14 -14.55 -13.68
N THR A 191 30.22 -14.53 -12.37
CA THR A 191 29.83 -15.65 -11.53
C THR A 191 28.70 -15.25 -10.59
N GLY A 192 27.74 -16.16 -10.41
CA GLY A 192 26.59 -15.90 -9.49
C GLY A 192 26.98 -15.96 -8.02
N HIS A 193 26.01 -15.66 -7.13
CA HIS A 193 26.24 -15.65 -5.69
C HIS A 193 25.82 -16.95 -5.02
N ALA A 194 26.41 -17.20 -3.87
CA ALA A 194 26.10 -18.39 -3.09
C ALA A 194 24.75 -18.19 -2.40
N GLY A 195 24.10 -19.30 -2.08
CA GLY A 195 22.84 -19.29 -1.36
C GLY A 195 22.84 -20.47 -0.40
N LYS A 196 21.67 -20.88 0.04
CA LYS A 196 21.56 -22.03 0.96
C LYS A 196 22.03 -23.31 0.30
N SER A 197 22.55 -24.25 1.11
CA SER A 197 23.03 -25.52 0.60
C SER A 197 21.98 -26.65 0.70
N GLY A 198 20.83 -26.36 1.31
CA GLY A 198 19.82 -27.39 1.51
C GLY A 198 19.00 -27.85 0.30
N TYR A 199 19.67 -28.20 -0.78
CA TYR A 199 18.98 -28.72 -1.97
C TYR A 199 19.63 -30.01 -2.43
N THR A 200 18.92 -30.75 -3.25
CA THR A 200 19.42 -31.98 -3.85
C THR A 200 19.21 -31.79 -5.36
N VAL A 201 20.04 -32.47 -6.13
CA VAL A 201 20.02 -32.38 -7.58
C VAL A 201 19.91 -33.76 -8.19
N GLU A 202 19.08 -33.87 -9.21
CA GLU A 202 18.93 -35.12 -9.96
C GLU A 202 19.21 -34.67 -11.39
N ASP A 203 20.41 -35.01 -11.88
CA ASP A 203 20.83 -34.59 -13.22
C ASP A 203 20.88 -35.74 -14.20
N THR A 204 20.21 -35.57 -15.36
CA THR A 204 20.18 -36.61 -16.39
C THR A 204 20.51 -35.98 -17.74
N ALA A 205 20.63 -36.81 -18.78
CA ALA A 205 20.99 -36.28 -20.09
C ALA A 205 20.01 -35.24 -20.63
N GLU A 206 18.73 -35.42 -20.31
CA GLU A 206 17.68 -34.56 -20.84
C GLU A 206 17.08 -33.54 -19.89
N LYS A 207 17.36 -33.65 -18.59
CA LYS A 207 16.74 -32.79 -17.61
C LYS A 207 17.48 -32.77 -16.27
N VAL A 208 17.41 -31.63 -15.60
CA VAL A 208 18.00 -31.46 -14.28
C VAL A 208 16.89 -30.95 -13.36
N THR A 209 16.69 -31.62 -12.23
CA THR A 209 15.68 -31.27 -11.23
C THR A 209 16.37 -30.90 -9.92
N VAL A 210 16.07 -29.71 -9.39
CA VAL A 210 16.67 -29.21 -8.15
C VAL A 210 15.55 -29.12 -7.14
N THR A 211 15.76 -29.76 -6.00
CA THR A 211 14.73 -29.90 -5.00
C THR A 211 15.12 -29.44 -3.59
N THR A 212 14.20 -28.73 -2.94
CA THR A 212 14.36 -28.36 -1.54
C THR A 212 13.08 -28.84 -0.87
N GLU A 213 12.99 -28.68 0.45
CA GLU A 213 11.77 -29.08 1.14
C GLU A 213 10.53 -28.22 0.74
N ASP A 214 10.78 -27.10 0.07
CA ASP A 214 9.69 -26.20 -0.38
C ASP A 214 9.52 -26.07 -1.89
N LEU A 215 10.55 -26.38 -2.67
CA LEU A 215 10.47 -26.20 -4.11
C LEU A 215 10.99 -27.38 -4.93
N SER A 216 10.46 -27.52 -6.14
CA SER A 216 10.94 -28.50 -7.12
C SER A 216 11.10 -27.74 -8.44
N ILE A 217 12.36 -27.50 -8.81
CA ILE A 217 12.68 -26.79 -10.02
C ILE A 217 13.03 -27.80 -11.11
N GLU A 218 12.22 -27.85 -12.17
CA GLU A 218 12.44 -28.79 -13.26
C GLU A 218 12.97 -28.07 -14.50
N ILE A 219 14.14 -28.47 -14.99
CA ILE A 219 14.76 -27.80 -16.12
C ILE A 219 15.09 -28.73 -17.27
N GLN A 220 14.33 -28.65 -18.36
CA GLN A 220 14.60 -29.42 -19.57
C GLN A 220 15.87 -28.83 -20.15
N LYS A 221 16.76 -29.67 -20.69
CA LYS A 221 18.05 -29.18 -21.21
C LYS A 221 18.07 -28.86 -22.70
N SER A 222 17.20 -29.49 -23.48
CA SER A 222 17.22 -29.28 -24.93
C SER A 222 15.85 -29.27 -25.57
N PRO A 223 15.27 -28.09 -25.78
CA PRO A 223 15.84 -26.77 -25.40
C PRO A 223 15.69 -26.44 -23.93
N TYR A 224 16.51 -25.51 -23.46
CA TYR A 224 16.42 -25.07 -22.08
C TYR A 224 15.03 -24.54 -21.77
N ARG A 225 14.44 -25.03 -20.70
CA ARG A 225 13.14 -24.52 -20.27
C ARG A 225 12.94 -24.84 -18.79
N MSE A 226 12.65 -23.82 -18.00
CA MSE A 226 12.45 -23.97 -16.57
C MSE A 226 11.01 -23.93 -16.12
O MSE A 226 10.24 -23.08 -16.56
CB MSE A 226 13.19 -22.84 -15.80
CG MSE A 226 13.01 -22.94 -14.29
SE MSE A 226 13.94 -21.54 -13.30
CE MSE A 226 15.73 -21.90 -14.00
N GLU A 227 10.68 -24.80 -15.17
CA GLU A 227 9.37 -24.84 -14.51
C GLU A 227 9.66 -24.84 -13.00
N VAL A 228 8.95 -24.00 -12.26
CA VAL A 228 9.10 -23.94 -10.83
C VAL A 228 7.83 -24.48 -10.20
N HIS A 229 7.96 -25.50 -9.37
CA HIS A 229 6.85 -26.11 -8.67
C HIS A 229 7.05 -26.07 -7.16
N GLN A 230 5.95 -26.25 -6.44
CA GLN A 230 6.01 -26.40 -5.00
C GLN A 230 6.50 -27.83 -4.78
N ALA A 231 7.01 -28.10 -3.60
CA ALA A 231 7.50 -29.43 -3.24
C ALA A 231 6.51 -30.53 -3.60
N ASP A 232 5.21 -30.26 -3.49
CA ASP A 232 4.19 -31.27 -3.81
C ASP A 232 3.90 -31.47 -5.33
N GLY A 233 4.57 -30.70 -6.19
CA GLY A 233 4.36 -30.82 -7.64
C GLY A 233 3.52 -29.73 -8.29
N THR A 234 2.75 -28.99 -7.49
CA THR A 234 1.93 -27.88 -7.98
C THR A 234 2.76 -26.83 -8.72
N LEU A 235 2.39 -26.55 -9.97
CA LEU A 235 3.13 -25.61 -10.79
C LEU A 235 2.94 -24.19 -10.33
N LEU A 236 4.04 -23.46 -10.16
CA LEU A 236 3.96 -22.05 -9.79
C LEU A 236 4.08 -21.24 -11.07
N THR A 237 5.26 -21.30 -11.65
CA THR A 237 5.59 -20.57 -12.87
C THR A 237 6.34 -21.44 -13.83
N SER A 238 6.31 -21.05 -15.10
CA SER A 238 7.12 -21.76 -16.09
C SER A 238 7.40 -20.91 -17.30
N GLU A 239 8.60 -21.07 -17.85
CA GLU A 239 9.00 -20.33 -19.04
C GLU A 239 8.09 -20.71 -20.19
N TYR A 240 7.95 -19.81 -21.15
CA TYR A 240 7.02 -19.98 -22.25
C TYR A 240 7.32 -21.25 -23.00
N THR A 241 6.23 -21.93 -23.33
CA THR A 241 6.23 -23.25 -23.94
C THR A 241 7.17 -23.50 -25.13
N THR A 242 7.36 -22.52 -26.00
CA THR A 242 8.23 -22.68 -27.16
C THR A 242 9.75 -22.53 -26.82
N ALA A 243 10.07 -22.28 -25.54
CA ALA A 243 11.47 -22.15 -25.12
C ALA A 243 12.19 -20.97 -25.81
N ASN A 244 13.52 -20.89 -25.70
CA ASN A 244 14.27 -19.71 -26.21
C ASN A 244 13.60 -18.47 -25.56
N SER A 245 13.17 -18.63 -24.31
CA SER A 245 12.45 -17.60 -23.60
C SER A 245 13.35 -16.53 -23.02
N LEU A 246 14.56 -16.93 -22.64
CA LEU A 246 15.48 -16.06 -21.95
C LEU A 246 16.51 -15.50 -22.90
N GLY A 247 16.59 -14.16 -22.99
CA GLY A 247 17.51 -13.54 -23.95
C GLY A 247 18.12 -12.23 -23.53
N TRP A 248 19.04 -11.77 -24.36
CA TRP A 248 19.75 -10.51 -24.15
C TRP A 248 19.91 -9.83 -25.52
N LEU A 249 19.95 -8.51 -25.51
CA LEU A 249 20.03 -7.69 -26.73
C LEU A 249 21.44 -7.16 -26.81
N THR A 250 22.16 -7.58 -27.84
CA THR A 250 23.57 -7.25 -27.95
C THR A 250 24.05 -7.00 -29.35
N ASP A 251 25.17 -6.28 -29.49
CA ASP A 251 25.80 -6.06 -30.79
C ASP A 251 26.78 -7.20 -31.04
N GLY A 252 26.94 -8.07 -30.03
CA GLY A 252 27.84 -9.22 -30.10
C GLY A 252 29.29 -8.88 -29.81
N LYS A 253 29.55 -7.67 -29.32
CA LYS A 253 30.90 -7.19 -29.00
C LYS A 253 30.92 -6.24 -27.80
N ASN A 254 30.59 -4.97 -28.03
CA ASN A 254 30.63 -3.90 -27.02
C ASN A 254 29.46 -3.79 -25.99
N VAL A 255 28.23 -4.14 -26.37
CA VAL A 255 27.13 -3.90 -25.48
C VAL A 255 26.01 -4.92 -25.32
N ILE A 256 25.35 -4.85 -24.15
CA ILE A 256 24.14 -5.61 -23.83
C ILE A 256 23.19 -4.50 -23.39
N ASN A 257 22.15 -4.25 -24.20
CA ASN A 257 21.21 -3.15 -23.90
C ASN A 257 19.89 -3.51 -23.22
N GLN A 258 19.51 -4.77 -23.30
CA GLN A 258 18.28 -5.25 -22.67
C GLN A 258 18.33 -6.74 -22.42
N TYR A 259 17.48 -7.15 -21.50
CA TYR A 259 17.30 -8.54 -21.15
C TYR A 259 15.83 -8.84 -21.23
N GLN A 260 15.50 -10.09 -21.47
CA GLN A 260 14.10 -10.51 -21.41
C GLN A 260 13.93 -11.98 -21.02
N ASN A 261 12.77 -12.27 -20.46
CA ASN A 261 12.35 -13.65 -20.22
C ASN A 261 10.83 -13.67 -20.43
N ASN A 262 10.32 -14.83 -20.84
CA ASN A 262 8.92 -15.04 -21.16
C ASN A 262 8.38 -16.25 -20.45
N PHE A 263 7.13 -16.16 -20.02
CA PHE A 263 6.51 -17.18 -19.20
C PHE A 263 5.09 -17.48 -19.64
N MSE A 264 4.66 -18.72 -19.44
N MSE A 264 4.66 -18.72 -19.43
CA MSE A 264 3.32 -19.13 -19.79
CA MSE A 264 3.30 -19.14 -19.77
C MSE A 264 2.38 -18.81 -18.63
C MSE A 264 2.38 -18.78 -18.62
O MSE A 264 2.72 -18.99 -17.47
O MSE A 264 2.74 -18.91 -17.45
CB MSE A 264 3.30 -20.64 -20.11
CB MSE A 264 3.25 -20.66 -20.04
CG MSE A 264 1.99 -21.14 -20.68
CG MSE A 264 1.91 -21.20 -20.59
SE MSE A 264 2.01 -23.04 -21.19
SE MSE A 264 0.36 -21.33 -19.35
CE MSE A 264 0.16 -23.25 -21.78
CE MSE A 264 -1.04 -21.88 -20.60
N THR A 265 1.18 -18.29 -18.94
CA THR A 265 0.21 -17.93 -17.91
C THR A 265 -1.21 -18.32 -18.31
N PRO A 266 -1.90 -19.12 -17.49
CA PRO A 266 -3.28 -19.49 -17.84
C PRO A 266 -4.20 -18.27 -17.77
N SER A 267 -5.34 -18.37 -18.44
N SER A 267 -5.33 -18.38 -18.46
CA SER A 267 -6.28 -17.26 -18.56
CA SER A 267 -6.30 -17.29 -18.58
C SER A 267 -6.77 -16.64 -17.26
C SER A 267 -6.77 -16.66 -17.27
N ASP A 268 -6.84 -17.44 -16.20
CA ASP A 268 -7.31 -16.93 -14.90
C ASP A 268 -6.26 -16.34 -13.97
N GLU A 269 -5.00 -16.33 -14.36
CA GLU A 269 -3.98 -15.82 -13.44
C GLU A 269 -4.07 -14.30 -13.24
N ALA A 270 -4.07 -13.87 -11.98
CA ALA A 270 -4.13 -12.45 -11.65
C ALA A 270 -2.75 -11.98 -11.14
N PHE A 271 -2.38 -10.74 -11.48
CA PHE A 271 -1.04 -10.17 -11.11
C PHE A 271 -1.19 -8.90 -10.32
N TYR A 272 -0.67 -8.89 -9.09
CA TYR A 272 -0.82 -7.79 -8.15
C TYR A 272 0.50 -7.10 -7.81
N GLY A 273 0.43 -5.84 -7.42
CA GLY A 273 1.62 -5.12 -6.98
C GLY A 273 2.18 -4.16 -7.99
N PHE A 274 3.47 -4.32 -8.30
CA PHE A 274 4.23 -3.48 -9.26
C PHE A 274 4.44 -2.08 -8.71
N GLY A 275 4.40 -1.96 -7.39
CA GLY A 275 4.51 -0.68 -6.74
C GLY A 275 3.12 -0.12 -6.43
N GLU A 276 2.97 1.19 -6.60
CA GLU A 276 1.71 1.87 -6.34
C GLU A 276 1.03 2.15 -7.68
N ARG A 277 -0.08 1.45 -7.95
CA ARG A 277 -0.81 1.56 -9.21
C ARG A 277 -2.21 2.11 -8.99
N TYR A 278 -2.60 3.07 -9.83
CA TYR A 278 -3.87 3.80 -9.69
C TYR A 278 -4.99 3.36 -10.62
N ASP A 279 -4.66 2.59 -11.64
CA ASP A 279 -5.59 2.16 -12.64
C ASP A 279 -6.40 0.89 -12.35
N THR A 280 -5.73 -0.09 -11.77
CA THR A 280 -6.33 -1.38 -11.46
C THR A 280 -5.42 -2.10 -10.47
N ILE A 281 -6.01 -3.00 -9.70
CA ILE A 281 -5.20 -3.82 -8.76
C ILE A 281 -4.71 -5.12 -9.42
N ASN A 282 -5.33 -5.50 -10.54
CA ASN A 282 -4.95 -6.71 -11.31
C ASN A 282 -4.43 -6.24 -12.66
N GLN A 283 -3.12 -6.37 -12.88
CA GLN A 283 -2.49 -5.84 -14.11
C GLN A 283 -2.55 -6.71 -15.32
N ARG A 284 -3.25 -7.84 -15.22
CA ARG A 284 -3.35 -8.70 -16.38
C ARG A 284 -3.94 -7.92 -17.56
N GLY A 285 -3.33 -8.06 -18.73
CA GLY A 285 -3.73 -7.35 -19.93
C GLY A 285 -2.99 -6.04 -20.13
N LYS A 286 -2.20 -5.60 -19.16
CA LYS A 286 -1.46 -4.35 -19.29
C LYS A 286 0.05 -4.49 -19.46
N ASP A 287 0.64 -3.48 -20.09
CA ASP A 287 2.10 -3.35 -20.18
C ASP A 287 2.43 -2.41 -19.01
N VAL A 288 3.08 -2.93 -17.98
CA VAL A 288 3.39 -2.16 -16.78
C VAL A 288 4.82 -1.62 -16.81
N GLU A 289 4.97 -0.30 -16.75
CA GLU A 289 6.29 0.35 -16.77
C GLU A 289 6.83 0.59 -15.37
N THR A 290 8.04 0.10 -15.07
CA THR A 290 8.69 0.34 -13.78
C THR A 290 9.46 1.63 -14.00
N TYR A 291 8.79 2.74 -13.79
CA TYR A 291 9.35 4.04 -14.08
C TYR A 291 8.67 5.06 -13.18
N VAL A 292 9.43 5.69 -12.28
CA VAL A 292 8.86 6.72 -11.41
C VAL A 292 8.56 7.96 -12.21
N TYR A 293 7.42 8.58 -11.93
CA TYR A 293 7.01 9.77 -12.65
C TYR A 293 6.05 10.63 -11.84
N ASN A 294 6.21 11.95 -11.97
CA ASN A 294 5.37 12.93 -11.29
C ASN A 294 4.21 13.30 -12.20
N GLU A 295 3.08 12.59 -12.07
CA GLU A 295 1.91 12.84 -12.87
C GLU A 295 0.84 13.47 -11.96
N TYR A 296 0.45 14.68 -12.29
CA TYR A 296 -0.50 15.42 -11.49
C TYR A 296 -1.95 15.04 -11.84
N GLN A 297 -2.65 14.51 -10.84
CA GLN A 297 -4.08 14.18 -10.94
C GLN A 297 -4.58 13.07 -11.85
N ASP A 298 -3.95 12.80 -12.98
CA ASP A 298 -4.51 11.75 -13.84
C ASP A 298 -3.64 10.50 -13.90
N GLN A 299 -3.18 10.08 -12.75
CA GLN A 299 -2.34 8.90 -12.66
C GLN A 299 -3.05 7.66 -13.20
N ALA A 300 -4.34 7.50 -12.87
CA ALA A 300 -5.09 6.31 -13.31
C ALA A 300 -5.24 6.25 -14.83
N GLN A 301 -5.63 7.38 -15.41
CA GLN A 301 -5.85 7.48 -16.83
C GLN A 301 -4.54 7.32 -17.65
N THR A 302 -3.46 7.91 -17.16
CA THR A 302 -2.15 7.79 -17.86
C THR A 302 -1.38 6.51 -17.48
N GLU A 303 -1.85 5.81 -16.44
CA GLU A 303 -1.19 4.60 -15.95
C GLU A 303 0.22 4.88 -15.45
N ARG A 304 0.39 6.03 -14.81
CA ARG A 304 1.69 6.43 -14.25
C ARG A 304 1.69 6.38 -12.70
N THR A 305 2.87 6.48 -12.10
CA THR A 305 2.99 6.43 -10.67
C THR A 305 4.29 7.02 -10.19
N TYR A 306 4.27 7.53 -8.98
CA TYR A 306 5.45 8.11 -8.32
C TYR A 306 6.33 7.03 -7.70
N LEU A 307 5.75 5.85 -7.53
CA LEU A 307 6.40 4.76 -6.78
C LEU A 307 6.20 3.46 -7.55
N ALA A 308 7.27 3.03 -8.23
CA ALA A 308 7.26 1.86 -9.12
C ALA A 308 8.26 0.86 -8.62
N VAL A 309 7.83 -0.41 -8.52
CA VAL A 309 8.65 -1.49 -7.99
C VAL A 309 8.55 -2.68 -8.94
N PRO A 310 9.69 -3.27 -9.33
CA PRO A 310 9.69 -4.42 -10.28
C PRO A 310 9.48 -5.74 -9.53
N PHE A 311 8.36 -5.80 -8.83
CA PHE A 311 7.93 -6.94 -8.04
C PHE A 311 6.44 -7.10 -8.14
N PHE A 312 6.00 -8.31 -8.46
CA PHE A 312 4.57 -8.63 -8.49
C PHE A 312 4.33 -9.96 -7.76
N VAL A 313 3.09 -10.12 -7.34
CA VAL A 313 2.63 -11.31 -6.66
C VAL A 313 1.48 -11.86 -7.48
N SER A 314 1.53 -13.13 -7.80
CA SER A 314 0.49 -13.80 -8.52
C SER A 314 -0.38 -14.62 -7.56
N ALA A 315 -1.68 -14.66 -7.84
CA ALA A 315 -2.63 -15.47 -7.05
C ALA A 315 -2.35 -16.95 -7.26
N ASN A 316 -1.49 -17.29 -8.24
CA ASN A 316 -1.04 -18.68 -8.39
C ASN A 316 0.07 -19.11 -7.36
N LYS A 317 0.28 -18.26 -6.35
CA LYS A 317 1.14 -18.52 -5.19
C LYS A 317 2.65 -18.34 -5.38
N TYR A 318 3.02 -17.27 -6.09
CA TYR A 318 4.43 -16.93 -6.24
C TYR A 318 4.54 -15.44 -6.48
N GLY A 319 5.74 -14.93 -6.25
CA GLY A 319 6.07 -13.57 -6.52
C GLY A 319 7.27 -13.60 -7.44
N MSE A 320 7.47 -12.53 -8.19
CA MSE A 320 8.63 -12.43 -9.04
C MSE A 320 9.21 -11.05 -8.83
O MSE A 320 8.51 -10.04 -8.92
CB MSE A 320 8.30 -12.64 -10.52
CG MSE A 320 9.51 -12.50 -11.42
SE MSE A 320 9.21 -13.01 -13.30
CE MSE A 320 8.77 -14.90 -12.99
N TYR A 321 10.51 -11.01 -8.54
CA TYR A 321 11.21 -9.75 -8.33
C TYR A 321 12.40 -9.64 -9.25
N VAL A 322 12.40 -8.63 -10.12
CA VAL A 322 13.54 -8.41 -11.01
C VAL A 322 14.41 -7.40 -10.29
N ASN A 323 15.58 -7.86 -9.86
CA ASN A 323 16.51 -7.06 -9.07
C ASN A 323 17.37 -6.14 -9.90
N SER A 324 16.84 -4.96 -10.19
CA SER A 324 17.53 -3.94 -10.99
C SER A 324 16.80 -2.64 -10.83
N ASP A 325 17.56 -1.56 -10.81
CA ASP A 325 16.99 -0.23 -10.75
C ASP A 325 16.69 0.36 -12.15
N PHE A 326 17.12 -0.32 -13.20
CA PHE A 326 16.83 0.14 -14.56
C PHE A 326 15.34 -0.02 -14.81
N HIS A 327 14.83 0.77 -15.74
CA HIS A 327 13.45 0.68 -16.19
C HIS A 327 13.22 -0.72 -16.75
N SER A 328 12.06 -1.26 -16.48
CA SER A 328 11.63 -2.53 -17.00
C SER A 328 10.17 -2.41 -17.40
N GLN A 329 9.79 -3.21 -18.38
CA GLN A 329 8.40 -3.25 -18.83
C GLN A 329 7.90 -4.67 -18.55
N PHE A 330 6.78 -4.80 -17.85
CA PHE A 330 6.19 -6.11 -17.59
C PHE A 330 4.97 -6.19 -18.51
N GLN A 331 5.00 -7.13 -19.45
CA GLN A 331 3.94 -7.32 -20.42
C GLN A 331 3.12 -8.49 -19.90
N MSE A 332 2.03 -8.17 -19.20
CA MSE A 332 1.24 -9.19 -18.53
C MSE A 332 0.08 -9.69 -19.36
O MSE A 332 -1.05 -9.22 -19.21
CB MSE A 332 0.79 -8.66 -17.17
CG MSE A 332 1.94 -8.05 -16.36
SE MSE A 332 3.53 -9.18 -16.12
CE MSE A 332 2.68 -10.55 -14.96
N ALA A 333 0.37 -10.61 -20.27
CA ALA A 333 -0.64 -11.15 -21.16
C ALA A 333 -1.21 -9.99 -21.98
N SER A 334 -0.38 -8.99 -22.23
CA SER A 334 -0.77 -7.82 -23.00
C SER A 334 -0.57 -7.99 -24.48
N LYS A 335 0.23 -8.97 -24.90
CA LYS A 335 0.49 -9.16 -26.32
C LYS A 335 0.02 -10.49 -26.82
N VAL A 336 0.28 -11.54 -26.07
CA VAL A 336 -0.17 -12.89 -26.38
C VAL A 336 -0.94 -13.26 -25.13
N GLU A 337 -2.17 -13.75 -25.29
CA GLU A 337 -3.05 -14.03 -24.15
C GLU A 337 -2.57 -15.03 -23.10
N ASP A 338 -1.65 -15.95 -23.45
CA ASP A 338 -1.13 -16.89 -22.44
C ASP A 338 0.34 -16.67 -22.12
N LYS A 339 0.84 -15.45 -22.35
CA LYS A 339 2.24 -15.15 -22.09
C LYS A 339 2.45 -13.87 -21.32
N TYR A 340 3.38 -13.90 -20.38
CA TYR A 340 3.80 -12.67 -19.71
C TYR A 340 5.33 -12.63 -19.84
N SER A 341 5.85 -11.42 -19.93
CA SER A 341 7.25 -11.19 -20.12
C SER A 341 7.76 -9.99 -19.38
N PHE A 342 9.06 -9.96 -19.12
CA PHE A 342 9.64 -8.73 -18.63
C PHE A 342 10.72 -8.36 -19.63
N VAL A 343 10.89 -7.06 -19.85
CA VAL A 343 11.93 -6.56 -20.73
C VAL A 343 12.64 -5.54 -19.87
N LEU A 344 13.88 -5.85 -19.50
CA LEU A 344 14.67 -5.01 -18.62
C LEU A 344 15.78 -4.30 -19.38
N ASP A 345 15.89 -2.99 -19.13
CA ASP A 345 16.91 -2.18 -19.77
C ASP A 345 18.27 -2.33 -19.08
N ASN A 346 19.32 -1.97 -19.82
CA ASN A 346 20.68 -1.98 -19.30
C ASN A 346 21.44 -0.82 -19.97
N ASP A 347 22.47 -0.33 -19.30
CA ASP A 347 23.25 0.79 -19.83
C ASP A 347 24.30 0.38 -20.84
N GLY A 348 24.25 -0.87 -21.31
CA GLY A 348 25.23 -1.36 -22.27
C GLY A 348 26.38 -2.19 -21.68
N ASP A 349 26.63 -2.05 -20.39
CA ASP A 349 27.70 -2.72 -19.67
C ASP A 349 27.47 -4.24 -19.71
N MSE A 350 28.37 -4.93 -20.37
CA MSE A 350 28.27 -6.38 -20.56
C MSE A 350 28.51 -7.19 -19.30
O MSE A 350 28.32 -8.40 -19.33
CB MSE A 350 29.26 -6.83 -21.64
CG MSE A 350 29.06 -6.14 -22.99
SE MSE A 350 30.43 -6.60 -24.32
CE MSE A 350 30.09 -8.54 -24.44
N THR A 351 28.94 -6.53 -18.22
CA THR A 351 29.21 -7.22 -16.95
C THR A 351 28.06 -7.17 -15.96
N ASN A 352 26.97 -6.45 -16.28
CA ASN A 352 25.79 -6.39 -15.42
C ASN A 352 24.92 -7.62 -15.69
N MSE A 353 24.87 -8.57 -14.77
CA MSE A 353 24.03 -9.75 -14.97
C MSE A 353 22.55 -9.46 -14.71
O MSE A 353 22.20 -8.54 -13.99
CB MSE A 353 24.42 -10.87 -13.98
CG MSE A 353 25.75 -11.54 -14.25
SE MSE A 353 26.08 -13.00 -12.96
CE MSE A 353 26.48 -11.89 -11.44
N LEU A 354 21.70 -10.28 -15.34
CA LEU A 354 20.26 -10.24 -15.11
C LEU A 354 20.14 -11.02 -13.80
N ASP A 355 19.37 -10.50 -12.87
CA ASP A 355 19.24 -11.07 -11.52
C ASP A 355 17.78 -11.02 -11.10
N TYR A 356 17.12 -12.17 -10.99
CA TYR A 356 15.72 -12.16 -10.59
C TYR A 356 15.40 -13.35 -9.72
N TYR A 357 14.33 -13.19 -8.97
CA TYR A 357 13.89 -14.17 -8.03
C TYR A 357 12.46 -14.64 -8.28
N VAL A 358 12.26 -15.92 -8.04
CA VAL A 358 10.95 -16.52 -8.03
C VAL A 358 10.77 -16.87 -6.55
N ILE A 359 9.78 -16.23 -5.95
CA ILE A 359 9.51 -16.30 -4.53
C ILE A 359 8.25 -17.05 -4.15
N SER A 360 8.43 -18.05 -3.30
CA SER A 360 7.33 -18.86 -2.80
C SER A 360 7.26 -18.55 -1.30
N GLY A 361 6.45 -19.30 -0.56
CA GLY A 361 6.28 -19.04 0.86
C GLY A 361 5.10 -19.82 1.43
N LYS A 362 4.83 -19.67 2.72
CA LYS A 362 3.74 -20.43 3.35
C LYS A 362 2.35 -19.92 2.89
N ASP A 363 2.28 -18.66 2.50
CA ASP A 363 1.03 -18.01 2.05
C ASP A 363 1.43 -16.73 1.30
N GLN A 364 0.46 -15.98 0.80
CA GLN A 364 0.78 -14.79 -0.01
C GLN A 364 1.50 -13.72 0.80
N ASN A 365 1.12 -13.55 2.05
CA ASN A 365 1.79 -12.55 2.88
C ASN A 365 3.24 -12.96 3.19
N ASP A 366 3.46 -14.26 3.29
CA ASP A 366 4.81 -14.80 3.53
C ASP A 366 5.69 -14.50 2.28
N ILE A 367 5.08 -14.49 1.09
N ILE A 367 5.10 -14.51 1.09
CA ILE A 367 5.80 -14.13 -0.14
CA ILE A 367 5.84 -14.17 -0.13
C ILE A 367 6.33 -12.72 0.00
C ILE A 367 6.32 -12.72 -0.05
N VAL A 368 5.47 -11.82 0.43
CA VAL A 368 5.86 -10.42 0.61
C VAL A 368 6.98 -10.34 1.65
N ASN A 369 6.87 -11.14 2.73
CA ASN A 369 7.90 -11.13 3.76
C ASN A 369 9.27 -11.53 3.14
N ASN A 370 9.26 -12.56 2.30
CA ASN A 370 10.51 -13.05 1.67
C ASN A 370 11.09 -11.96 0.75
N TYR A 371 10.19 -11.23 0.07
CA TYR A 371 10.61 -10.10 -0.76
C TYR A 371 11.26 -9.03 0.12
N THR A 372 10.69 -8.74 1.30
CA THR A 372 11.30 -7.74 2.20
C THR A 372 12.60 -8.25 2.81
N ASP A 373 12.79 -9.57 2.91
CA ASP A 373 14.09 -10.08 3.33
C ASP A 373 15.14 -9.61 2.31
N ILE A 374 14.75 -9.57 1.05
CA ILE A 374 15.64 -9.18 -0.02
C ILE A 374 15.88 -7.68 -0.12
N THR A 375 14.80 -6.92 -0.10
CA THR A 375 14.88 -5.49 -0.33
C THR A 375 14.79 -4.60 0.90
N GLY A 376 14.55 -5.18 2.09
CA GLY A 376 14.49 -4.35 3.31
C GLY A 376 13.16 -4.40 4.03
N LYS A 377 13.21 -4.53 5.34
CA LYS A 377 12.00 -4.55 6.14
C LYS A 377 11.47 -3.14 6.37
N THR A 378 10.16 -3.04 6.49
CA THR A 378 9.56 -1.80 6.90
C THR A 378 10.13 -1.46 8.29
N THR A 379 10.53 -0.20 8.50
CA THR A 379 11.01 0.26 9.82
C THR A 379 9.81 0.68 10.68
N LEU A 380 9.63 0.03 11.83
CA LEU A 380 8.55 0.42 12.72
C LEU A 380 8.63 1.92 13.04
N LEU A 381 7.51 2.61 12.92
CA LEU A 381 7.46 4.02 13.26
C LEU A 381 6.86 4.19 14.67
N PRO A 382 7.17 5.32 15.33
CA PRO A 382 6.54 5.57 16.64
C PRO A 382 5.02 5.63 16.48
N LYS A 383 4.31 5.31 17.55
CA LYS A 383 2.86 5.25 17.55
C LYS A 383 2.17 6.55 17.12
N TRP A 384 2.77 7.73 17.37
CA TRP A 384 2.14 8.98 16.95
C TRP A 384 1.85 9.02 15.44
N ALA A 385 2.61 8.30 14.65
CA ALA A 385 2.41 8.27 13.20
C ALA A 385 1.07 7.67 12.81
N PHE A 386 0.47 6.91 13.73
CA PHE A 386 -0.78 6.25 13.45
C PHE A 386 -2.04 6.93 13.91
N GLY A 387 -1.92 8.15 14.41
CA GLY A 387 -3.08 8.97 14.74
C GLY A 387 -3.36 9.88 13.53
N LEU A 388 -4.25 10.84 13.70
CA LEU A 388 -4.59 11.74 12.59
C LEU A 388 -3.52 12.79 12.34
N TRP A 389 -3.17 12.94 11.06
CA TRP A 389 -2.25 13.97 10.61
C TRP A 389 -3.05 15.10 10.02
N MSE A 390 -2.79 16.34 10.47
CA MSE A 390 -3.48 17.52 9.98
C MSE A 390 -2.50 18.28 9.11
O MSE A 390 -1.36 18.52 9.52
CB MSE A 390 -3.93 18.41 11.11
CG MSE A 390 -4.65 17.67 12.22
SE MSE A 390 -5.67 18.89 13.39
CE MSE A 390 -4.39 20.23 13.75
N SER A 391 -2.98 18.72 7.97
CA SER A 391 -2.17 19.47 7.01
C SER A 391 -3.05 20.41 6.15
N ALA A 392 -2.43 21.48 5.63
CA ALA A 392 -3.09 22.43 4.74
C ALA A 392 -2.02 23.35 4.17
N ASN A 393 -1.80 23.33 2.85
CA ASN A 393 -0.78 24.21 2.27
C ASN A 393 -0.98 25.69 2.67
N GLU A 394 -2.25 26.08 2.88
CA GLU A 394 -2.55 27.47 3.24
C GLU A 394 -2.00 27.91 4.57
N TRP A 395 -1.66 26.96 5.45
CA TRP A 395 -1.08 27.29 6.75
C TRP A 395 0.33 27.80 6.52
N ASP A 396 0.52 29.11 6.71
CA ASP A 396 1.80 29.74 6.35
C ASP A 396 2.29 30.83 7.28
N ARG A 397 1.81 30.80 8.51
CA ARG A 397 2.22 31.78 9.51
C ARG A 397 1.76 31.29 10.87
N GLU A 398 2.34 31.86 11.90
CA GLU A 398 2.02 31.48 13.27
C GLU A 398 0.55 31.57 13.66
N SER A 399 -0.18 32.58 13.18
CA SER A 399 -1.60 32.68 13.54
C SER A 399 -2.42 31.53 12.96
N ASP A 400 -1.98 30.99 11.82
CA ASP A 400 -2.66 29.86 11.18
C ASP A 400 -2.46 28.60 12.05
N VAL A 401 -1.27 28.46 12.64
CA VAL A 401 -1.00 27.31 13.47
C VAL A 401 -1.80 27.38 14.77
N SER A 402 -1.81 28.55 15.42
CA SER A 402 -2.56 28.67 16.67
C SER A 402 -4.05 28.46 16.42
N SER A 403 -4.56 28.97 15.30
CA SER A 403 -5.94 28.76 14.95
C SER A 403 -6.26 27.30 14.65
N ALA A 404 -5.33 26.60 13.96
CA ALA A 404 -5.52 25.20 13.64
C ALA A 404 -5.59 24.38 14.91
N LEU A 405 -4.70 24.67 15.85
CA LEU A 405 -4.68 23.97 17.12
C LEU A 405 -5.97 24.27 17.95
N SER A 406 -6.39 25.54 18.00
N SER A 406 -6.39 25.54 18.00
CA SER A 406 -7.61 25.90 18.73
CA SER A 406 -7.60 25.89 18.75
C SER A 406 -8.85 25.28 18.10
C SER A 406 -8.86 25.31 18.10
N ASN A 407 -8.92 25.30 16.77
CA ASN A 407 -10.04 24.69 16.07
C ASN A 407 -10.11 23.19 16.39
N ALA A 408 -8.96 22.51 16.38
CA ALA A 408 -8.95 21.06 16.68
C ALA A 408 -9.47 20.82 18.09
N LYS A 409 -9.02 21.64 19.03
CA LYS A 409 -9.46 21.47 20.40
C LYS A 409 -10.95 21.81 20.56
N ALA A 410 -11.38 22.91 19.97
CA ALA A 410 -12.77 23.35 20.08
C ALA A 410 -13.74 22.30 19.49
N ASN A 411 -13.27 21.57 18.49
CA ASN A 411 -14.07 20.52 17.81
C ASN A 411 -13.77 19.10 18.25
N ASP A 412 -13.04 18.98 19.37
CA ASP A 412 -12.68 17.68 19.97
C ASP A 412 -12.06 16.70 18.97
N ILE A 413 -11.03 17.19 18.28
CA ILE A 413 -10.27 16.44 17.32
C ILE A 413 -8.86 16.24 17.88
N PRO A 414 -8.62 15.13 18.59
CA PRO A 414 -7.30 14.90 19.18
C PRO A 414 -6.29 14.27 18.20
N ALA A 415 -5.84 15.06 17.25
CA ALA A 415 -4.88 14.59 16.27
C ALA A 415 -3.48 14.38 16.89
N THR A 416 -2.59 13.69 16.18
CA THR A 416 -1.23 13.46 16.67
C THR A 416 -0.13 13.98 15.72
N GLY A 417 -0.49 14.31 14.47
CA GLY A 417 0.49 14.78 13.46
C GLY A 417 0.12 16.12 12.89
N PHE A 418 1.13 16.92 12.52
CA PHE A 418 0.92 18.28 12.02
C PHE A 418 2.00 18.56 10.97
N VAL A 419 1.57 18.96 9.78
CA VAL A 419 2.48 19.22 8.70
C VAL A 419 2.48 20.69 8.31
N LEU A 420 3.67 21.25 8.12
CA LEU A 420 3.81 22.57 7.53
C LEU A 420 4.49 22.46 6.16
N GLU A 421 3.84 22.98 5.12
CA GLU A 421 4.42 23.02 3.81
C GLU A 421 4.91 24.42 3.46
N GLN A 422 4.07 25.41 3.71
CA GLN A 422 4.38 26.80 3.35
C GLN A 422 5.02 27.51 4.56
N TRP A 423 6.17 26.99 4.96
CA TRP A 423 6.91 27.47 6.12
C TRP A 423 8.22 28.23 5.83
N SER A 424 8.81 28.00 4.67
CA SER A 424 10.13 28.57 4.37
C SER A 424 10.14 29.84 3.53
N ASP A 425 11.36 30.31 3.25
CA ASP A 425 11.62 31.47 2.42
C ASP A 425 11.29 31.22 0.95
N GLU A 426 11.08 29.95 0.59
CA GLU A 426 10.78 29.56 -0.79
C GLU A 426 11.93 29.90 -1.73
N GLU A 427 13.15 29.80 -1.20
CA GLU A 427 14.39 30.09 -1.96
C GLU A 427 15.41 29.01 -1.62
N THR A 428 15.85 28.97 -0.36
CA THR A 428 16.78 27.93 0.11
C THR A 428 16.05 26.68 0.63
N TYR A 429 14.80 26.86 1.04
CA TYR A 429 13.98 25.78 1.63
C TYR A 429 14.52 25.22 2.96
N TYR A 430 15.42 25.94 3.63
CA TYR A 430 15.91 25.51 4.96
C TYR A 430 15.87 26.66 5.97
N ILE A 431 15.30 27.80 5.55
CA ILE A 431 15.20 29.01 6.38
C ILE A 431 13.73 29.41 6.46
N TRP A 432 13.29 29.84 7.65
CA TRP A 432 11.92 30.24 7.88
C TRP A 432 11.54 31.49 7.09
N ASN A 433 10.30 31.52 6.60
CA ASN A 433 9.84 32.66 5.81
C ASN A 433 10.02 33.93 6.63
N ASN A 434 10.46 35.02 5.96
CA ASN A 434 10.65 36.33 6.58
C ASN A 434 11.85 36.47 7.51
N ALA A 435 12.58 35.40 7.78
CA ALA A 435 13.73 35.47 8.67
C ALA A 435 14.84 36.29 8.02
N THR A 436 15.54 37.10 8.81
CA THR A 436 16.67 37.87 8.30
C THR A 436 17.98 37.36 8.93
N TYR A 437 19.10 37.59 8.25
CA TYR A 437 20.38 37.05 8.70
C TYR A 437 21.46 37.56 7.79
N THR A 438 22.72 37.39 8.18
CA THR A 438 23.80 37.79 7.29
C THR A 438 24.14 36.50 6.51
N ALA A 439 24.03 36.59 5.19
CA ALA A 439 24.26 35.46 4.28
C ALA A 439 25.60 34.80 4.54
N LYS A 440 25.66 33.49 4.32
CA LYS A 440 26.90 32.74 4.51
C LYS A 440 27.43 32.15 3.22
N LYS A 441 28.74 32.20 3.11
CA LYS A 441 29.48 31.67 1.98
C LYS A 441 29.98 30.28 2.30
N ASN A 442 30.53 29.63 1.28
CA ASN A 442 31.17 28.33 1.43
C ASN A 442 30.31 27.27 2.12
N GLY A 443 29.01 27.33 1.83
CA GLY A 443 28.02 26.37 2.33
C GLY A 443 27.95 26.18 3.84
N GLU A 444 28.41 27.17 4.61
CA GLU A 444 28.38 27.09 6.07
C GLU A 444 26.95 26.99 6.55
N ALA A 445 26.74 26.17 7.58
CA ALA A 445 25.42 25.98 8.14
C ALA A 445 25.08 27.09 9.15
N PHE A 446 23.78 27.34 9.28
CA PHE A 446 23.27 28.32 10.21
C PHE A 446 22.83 27.65 11.48
N SER A 447 22.85 28.40 12.56
CA SER A 447 22.34 27.92 13.85
C SER A 447 21.15 28.83 14.12
N TYR A 448 20.30 28.44 15.05
CA TYR A 448 19.08 29.19 15.32
C TYR A 448 19.36 30.67 15.61
N ASP A 449 20.39 30.92 16.42
CA ASP A 449 20.78 32.27 16.82
C ASP A 449 21.28 33.20 15.71
N ASP A 450 21.61 32.64 14.54
CA ASP A 450 22.03 33.47 13.41
C ASP A 450 20.84 34.26 12.82
N PHE A 451 19.61 33.81 13.10
CA PHE A 451 18.42 34.45 12.54
C PHE A 451 17.70 35.47 13.43
N THR A 452 17.07 36.44 12.75
CA THR A 452 16.18 37.41 13.37
C THR A 452 14.85 36.97 12.74
N PHE A 453 13.97 36.41 13.55
CA PHE A 453 12.69 35.95 13.04
C PHE A 453 11.70 37.10 12.98
N ASN A 454 11.00 37.19 11.86
CA ASN A 454 10.09 38.31 11.62
C ASN A 454 8.76 37.84 11.04
N GLY A 455 7.86 38.81 10.90
CA GLY A 455 6.55 38.66 10.32
C GLY A 455 5.74 37.40 10.56
N LYS A 456 5.77 36.49 9.59
CA LYS A 456 4.97 35.27 9.68
C LYS A 456 5.44 34.27 10.72
N TRP A 457 6.74 34.29 11.01
CA TRP A 457 7.29 33.36 11.99
C TRP A 457 8.25 34.11 12.89
N THR A 458 7.68 34.73 13.92
CA THR A 458 8.48 35.50 14.88
C THR A 458 9.16 34.63 15.95
N ASP A 459 8.70 33.37 16.11
CA ASP A 459 9.26 32.45 17.11
C ASP A 459 9.00 31.01 16.72
N PRO A 460 9.78 30.48 15.76
CA PRO A 460 9.56 29.11 15.33
C PRO A 460 9.64 28.09 16.46
N LYS A 461 10.60 28.25 17.38
CA LYS A 461 10.71 27.29 18.48
C LYS A 461 9.44 27.30 19.32
N GLY A 462 8.94 28.50 19.60
CA GLY A 462 7.72 28.64 20.39
C GLY A 462 6.53 28.01 19.67
N MSE A 463 6.46 28.22 18.37
CA MSE A 463 5.38 27.64 17.58
C MSE A 463 5.42 26.12 17.70
O MSE A 463 4.39 25.49 17.94
CB MSE A 463 5.48 28.13 16.12
CG MSE A 463 4.43 27.60 15.18
SE MSE A 463 4.76 25.80 14.49
CE MSE A 463 6.41 26.12 13.49
N VAL A 464 6.62 25.53 17.59
CA VAL A 464 6.76 24.08 17.70
C VAL A 464 6.39 23.60 19.10
N ASP A 465 6.81 24.34 20.10
CA ASP A 465 6.46 24.01 21.48
C ASP A 465 4.92 23.94 21.65
N SER A 466 4.17 24.82 20.98
CA SER A 466 2.70 24.84 21.09
C SER A 466 2.09 23.59 20.45
N VAL A 467 2.67 23.13 19.35
CA VAL A 467 2.18 21.93 18.67
C VAL A 467 2.42 20.72 19.59
N HIS A 468 3.63 20.64 20.18
CA HIS A 468 3.95 19.56 21.12
C HIS A 468 3.01 19.63 22.32
N ASP A 469 2.74 20.82 22.80
CA ASP A 469 1.86 20.98 23.96
C ASP A 469 0.48 20.41 23.66
N ALA A 470 0.06 20.49 22.41
CA ALA A 470 -1.25 19.96 21.98
C ALA A 470 -1.24 18.45 21.77
N GLY A 471 -0.14 17.78 22.08
CA GLY A 471 -0.03 16.33 21.88
C GLY A 471 0.26 15.92 20.44
N MSE A 472 0.81 16.84 19.65
CA MSE A 472 1.11 16.54 18.25
C MSE A 472 2.59 16.69 17.94
O MSE A 472 3.33 17.27 18.71
CB MSE A 472 0.30 17.45 17.31
CG MSE A 472 -1.18 17.53 17.66
SE MSE A 472 -2.16 18.52 16.30
CE MSE A 472 -3.80 18.78 17.37
N ASN A 473 3.00 16.12 16.80
CA ASN A 473 4.38 16.18 16.33
C ASN A 473 4.35 16.83 14.98
N ILE A 474 5.41 17.55 14.62
CA ILE A 474 5.40 18.35 13.41
C ILE A 474 6.47 17.98 12.40
N VAL A 475 6.08 18.00 11.11
CA VAL A 475 7.04 17.72 10.03
C VAL A 475 7.00 18.89 9.06
N LEU A 476 8.16 19.15 8.46
CA LEU A 476 8.35 20.24 7.51
C LEU A 476 8.62 19.73 6.09
N TRP A 477 8.02 20.41 5.13
CA TRP A 477 8.15 20.04 3.73
C TRP A 477 9.55 20.35 3.19
N GLN A 478 10.02 19.46 2.32
CA GLN A 478 11.34 19.54 1.66
C GLN A 478 11.32 18.99 0.25
N VAL A 479 12.34 19.40 -0.53
CA VAL A 479 12.59 18.90 -1.88
C VAL A 479 14.09 18.55 -1.96
N PRO A 480 14.47 17.70 -2.93
CA PRO A 480 15.87 17.27 -3.10
C PRO A 480 16.68 18.12 -4.07
N VAL A 481 16.11 19.23 -4.48
CA VAL A 481 16.70 20.12 -5.47
C VAL A 481 17.00 21.49 -4.93
N LEU A 482 18.07 22.12 -5.45
CA LEU A 482 18.42 23.49 -5.11
C LEU A 482 17.79 24.34 -6.21
N LYS A 483 16.85 25.19 -5.80
CA LYS A 483 16.14 26.05 -6.74
C LYS A 483 17.04 26.96 -7.53
N ASP A 484 16.71 27.15 -8.81
CA ASP A 484 17.43 28.10 -9.64
C ASP A 484 16.50 28.51 -10.79
N ASP A 485 15.76 29.61 -10.59
CA ASP A 485 14.82 30.10 -11.60
C ASP A 485 15.34 31.35 -12.27
N GLY A 486 16.62 31.61 -12.08
CA GLY A 486 17.25 32.78 -12.69
C GLY A 486 17.22 34.01 -11.83
N THR A 487 16.34 34.08 -10.84
CA THR A 487 16.27 35.24 -9.96
C THR A 487 17.48 35.28 -9.05
N VAL A 488 17.85 36.50 -8.67
CA VAL A 488 18.97 36.73 -7.77
C VAL A 488 18.46 36.60 -6.35
N TYR A 489 19.18 35.85 -5.54
CA TYR A 489 18.82 35.68 -4.13
C TYR A 489 20.12 35.24 -3.46
N GLU A 490 20.73 36.15 -2.70
CA GLU A 490 22.05 35.95 -2.10
C GLU A 490 22.40 34.58 -1.51
N GLN A 491 21.60 34.08 -0.58
CA GLN A 491 21.97 32.81 0.04
C GLN A 491 21.89 31.60 -0.91
N ARG A 492 20.89 31.59 -1.78
CA ARG A 492 20.70 30.49 -2.73
C ARG A 492 21.84 30.50 -3.75
N ASP A 493 22.21 31.70 -4.20
CA ASP A 493 23.31 31.89 -5.16
C ASP A 493 24.63 31.45 -4.53
N ASN A 494 24.79 31.72 -3.24
CA ASN A 494 25.99 31.30 -2.51
C ASN A 494 26.03 29.77 -2.42
N ASP A 495 24.90 29.15 -2.07
CA ASP A 495 24.85 27.68 -1.96
C ASP A 495 25.06 27.00 -3.32
N GLU A 496 24.53 27.59 -4.39
CA GLU A 496 24.70 27.01 -5.72
C GLU A 496 26.19 26.98 -6.11
N GLU A 497 26.87 28.11 -5.89
CA GLU A 497 28.31 28.26 -6.17
C GLU A 497 29.11 27.19 -5.43
N TYR A 498 28.83 27.04 -4.13
CA TYR A 498 29.50 26.06 -3.30
C TYR A 498 29.24 24.61 -3.76
N MSE A 499 27.97 24.31 -4.00
CA MSE A 499 27.54 22.99 -4.45
C MSE A 499 28.24 22.57 -5.75
O MSE A 499 28.72 21.43 -5.89
CB MSE A 499 26.03 23.06 -4.64
CG MSE A 499 25.34 21.82 -5.04
SE MSE A 499 23.43 22.25 -5.10
CE MSE A 499 22.69 20.42 -5.37
N ILE A 500 28.28 23.49 -6.70
CA ILE A 500 28.95 23.27 -7.98
C ILE A 500 30.46 23.05 -7.77
N SER A 501 31.11 23.94 -7.00
CA SER A 501 32.57 23.84 -6.76
C SER A 501 32.96 22.55 -6.02
N GLN A 502 32.07 22.04 -5.20
CA GLN A 502 32.35 20.81 -4.45
C GLN A 502 31.96 19.54 -5.18
N GLY A 503 31.29 19.66 -6.33
CA GLY A 503 30.82 18.49 -7.07
C GLY A 503 29.66 17.78 -6.35
N TYR A 504 28.85 18.54 -5.59
CA TYR A 504 27.72 17.94 -4.86
C TYR A 504 26.49 17.66 -5.70
N SER A 505 26.51 18.15 -6.92
CA SER A 505 25.46 17.86 -7.83
C SER A 505 25.87 16.59 -8.57
N ALA A 506 24.96 16.08 -9.38
CA ALA A 506 25.28 14.96 -10.27
C ALA A 506 25.87 15.70 -11.48
N ASP A 507 26.47 14.98 -12.42
CA ASP A 507 27.07 15.61 -13.59
C ASP A 507 26.16 15.40 -14.79
N ASP A 508 26.11 16.40 -15.68
CA ASP A 508 25.27 16.24 -16.86
C ASP A 508 25.88 15.31 -17.92
N GLY A 509 27.13 14.92 -17.70
CA GLY A 509 27.84 14.04 -18.64
C GLY A 509 28.92 14.80 -19.41
N THR A 510 29.00 16.12 -19.21
CA THR A 510 29.98 16.95 -19.88
C THR A 510 30.80 17.80 -18.89
N GLY A 511 30.69 17.52 -17.60
CA GLY A 511 31.43 18.27 -16.58
C GLY A 511 30.64 19.36 -15.86
N ALA A 512 29.45 19.70 -16.36
CA ALA A 512 28.62 20.74 -15.74
C ALA A 512 27.57 20.11 -14.82
N PRO A 513 27.07 20.87 -13.85
CA PRO A 513 26.07 20.31 -12.95
C PRO A 513 24.77 19.92 -13.66
N TYR A 514 24.24 18.77 -13.30
CA TYR A 514 22.95 18.32 -13.84
C TYR A 514 21.82 19.22 -13.32
N ARG A 515 20.98 19.67 -14.23
CA ARG A 515 19.80 20.47 -13.87
C ARG A 515 18.54 19.80 -14.38
N VAL A 516 17.47 19.89 -13.59
CA VAL A 516 16.17 19.36 -13.98
C VAL A 516 15.75 20.00 -15.32
N PRO A 517 15.22 19.20 -16.26
CA PRO A 517 14.79 19.83 -17.51
C PRO A 517 13.93 21.09 -17.28
N ALA A 518 14.20 22.11 -18.08
CA ALA A 518 13.55 23.41 -17.97
C ALA A 518 12.02 23.41 -17.85
N SER A 519 11.34 22.47 -18.52
CA SER A 519 9.87 22.45 -18.49
C SER A 519 9.25 21.72 -17.31
N GLN A 520 10.06 21.12 -16.46
CA GLN A 520 9.53 20.33 -15.36
C GLN A 520 9.46 21.10 -14.08
N TRP A 521 8.87 20.46 -13.05
CA TRP A 521 8.74 21.08 -11.74
C TRP A 521 10.16 21.28 -11.18
N PHE A 522 10.45 22.51 -10.74
CA PHE A 522 11.79 22.91 -10.31
C PHE A 522 12.79 22.83 -11.48
N GLY A 523 12.29 23.14 -12.67
CA GLY A 523 13.11 23.19 -13.87
C GLY A 523 14.27 24.13 -13.65
N ASN A 524 15.42 23.73 -14.18
CA ASN A 524 16.69 24.45 -14.06
C ASN A 524 17.36 24.33 -12.68
N GLY A 525 16.66 23.76 -11.72
CA GLY A 525 17.22 23.53 -10.37
C GLY A 525 18.26 22.42 -10.40
N ILE A 526 19.18 22.45 -9.44
CA ILE A 526 20.29 21.47 -9.38
C ILE A 526 20.00 20.41 -8.35
N LEU A 527 19.95 19.16 -8.76
CA LEU A 527 19.69 18.09 -7.81
C LEU A 527 20.88 17.84 -6.92
N LEU A 528 20.62 17.48 -5.67
CA LEU A 528 21.68 17.11 -4.74
C LEU A 528 21.95 15.65 -5.04
N ASP A 529 23.22 15.28 -5.20
CA ASP A 529 23.57 13.90 -5.49
C ASP A 529 23.56 13.07 -4.21
N PHE A 530 22.42 12.46 -3.92
CA PHE A 530 22.27 11.65 -2.72
C PHE A 530 23.14 10.40 -2.67
N THR A 531 23.81 10.05 -3.76
CA THR A 531 24.75 8.92 -3.76
C THR A 531 26.11 9.39 -3.22
N ASN A 532 26.28 10.70 -3.07
CA ASN A 532 27.55 11.29 -2.60
C ASN A 532 27.44 11.62 -1.12
N LYS A 533 28.10 10.83 -0.28
CA LYS A 533 28.01 11.01 1.17
C LYS A 533 28.37 12.43 1.62
N ASP A 534 29.43 12.99 1.04
CA ASP A 534 29.84 14.35 1.40
C ASP A 534 28.75 15.34 1.02
N ALA A 535 28.06 15.08 -0.08
CA ALA A 535 26.98 15.95 -0.54
C ALA A 535 25.80 15.85 0.42
N VAL A 536 25.48 14.64 0.85
CA VAL A 536 24.38 14.39 1.79
C VAL A 536 24.67 15.02 3.16
N ASP A 537 25.89 14.88 3.64
CA ASP A 537 26.26 15.47 4.94
C ASP A 537 26.11 16.99 4.88
N TRP A 538 26.53 17.61 3.77
CA TRP A 538 26.39 19.05 3.63
C TRP A 538 24.93 19.52 3.59
N TRP A 539 24.16 18.87 2.75
CA TRP A 539 22.77 19.22 2.57
C TRP A 539 22.01 19.09 3.91
N THR A 540 22.20 17.96 4.60
CA THR A 540 21.54 17.74 5.88
C THR A 540 22.07 18.71 6.96
N SER A 541 23.36 19.03 6.94
CA SER A 541 23.95 19.97 7.93
C SER A 541 23.21 21.31 7.90
N GLN A 542 22.71 21.68 6.73
CA GLN A 542 21.98 22.95 6.57
C GLN A 542 20.63 22.93 7.28
N ARG A 543 20.04 21.75 7.41
CA ARG A 543 18.75 21.56 8.08
C ARG A 543 18.91 21.13 9.54
N GLU A 544 20.14 20.91 9.97
CA GLU A 544 20.40 20.38 11.32
C GLU A 544 19.74 21.15 12.46
N TYR A 545 19.80 22.49 12.42
CA TYR A 545 19.22 23.34 13.48
C TYR A 545 17.69 23.16 13.61
N LEU A 546 17.05 22.75 12.53
CA LEU A 546 15.60 22.50 12.57
C LEU A 546 15.28 21.38 13.57
N LEU A 547 16.15 20.38 13.64
CA LEU A 547 16.00 19.24 14.55
C LEU A 547 16.59 19.49 15.93
N THR A 548 17.82 19.97 15.97
CA THR A 548 18.50 20.20 17.24
C THR A 548 17.96 21.41 18.04
N GLU A 549 17.52 22.48 17.37
CA GLU A 549 17.09 23.66 18.10
C GLU A 549 15.62 24.03 17.96
N VAL A 550 15.08 23.91 16.74
CA VAL A 550 13.67 24.25 16.52
C VAL A 550 12.80 23.11 17.09
N GLY A 551 13.34 21.89 17.09
CA GLY A 551 12.67 20.70 17.65
C GLY A 551 11.66 19.95 16.78
N ILE A 552 11.80 19.99 15.45
CA ILE A 552 10.83 19.29 14.59
C ILE A 552 10.95 17.77 14.70
N ASP A 553 9.92 17.10 14.19
CA ASP A 553 9.80 15.66 14.28
C ASP A 553 9.84 14.95 12.95
N GLY A 554 10.47 15.58 11.95
CA GLY A 554 10.60 14.93 10.64
C GLY A 554 10.39 15.82 9.45
N PHE A 555 10.43 15.19 8.29
CA PHE A 555 10.29 15.89 7.04
C PHE A 555 9.29 15.22 6.09
N LYS A 556 8.56 16.05 5.35
CA LYS A 556 7.66 15.61 4.29
C LYS A 556 8.51 15.83 3.03
N THR A 557 9.26 14.78 2.71
CA THR A 557 10.16 14.75 1.56
C THR A 557 9.38 14.47 0.28
N ASP A 558 9.00 15.56 -0.39
CA ASP A 558 8.21 15.55 -1.62
C ASP A 558 9.14 15.47 -2.86
N GLY A 559 8.57 15.14 -4.00
CA GLY A 559 9.34 15.09 -5.23
C GLY A 559 10.31 13.92 -5.31
N GLY A 560 11.32 14.07 -6.17
CA GLY A 560 12.35 13.06 -6.38
C GLY A 560 12.30 12.38 -7.75
N GLU A 561 11.22 12.61 -8.51
CA GLU A 561 11.07 12.00 -9.86
C GLU A 561 11.72 12.98 -10.84
N MSE A 562 12.99 13.28 -10.59
CA MSE A 562 13.65 14.36 -11.29
C MSE A 562 14.92 14.06 -12.07
O MSE A 562 15.56 14.99 -12.56
CB MSE A 562 13.95 15.41 -10.22
CG MSE A 562 12.69 16.06 -9.68
SE MSE A 562 12.94 16.94 -7.98
CE MSE A 562 11.32 18.08 -7.96
N VAL A 563 15.25 12.79 -12.24
CA VAL A 563 16.45 12.38 -12.96
C VAL A 563 16.13 12.01 -14.39
N TRP A 564 16.63 12.83 -15.31
CA TRP A 564 16.49 12.60 -16.73
C TRP A 564 17.90 12.64 -17.34
N GLY A 565 17.99 12.28 -18.61
CA GLY A 565 19.28 12.33 -19.30
C GLY A 565 19.95 10.97 -19.31
N ARG A 566 20.33 10.54 -20.51
CA ARG A 566 20.99 9.26 -20.71
C ARG A 566 22.42 9.33 -20.16
N ASP A 567 23.04 10.51 -20.25
CA ASP A 567 24.44 10.70 -19.81
C ASP A 567 24.64 11.30 -18.41
N THR A 568 23.54 11.60 -17.72
CA THR A 568 23.58 12.13 -16.35
C THR A 568 24.37 11.14 -15.51
N THR A 569 25.37 11.62 -14.77
CA THR A 569 26.27 10.73 -14.02
C THR A 569 26.34 11.08 -12.54
N PHE A 570 26.30 10.05 -11.71
CA PHE A 570 26.32 10.18 -10.24
C PHE A 570 27.66 9.75 -9.62
N SER A 571 27.90 10.14 -8.36
CA SER A 571 29.17 9.86 -7.68
C SER A 571 29.46 8.36 -7.59
N ASN A 572 28.42 7.54 -7.53
CA ASN A 572 28.63 6.08 -7.48
C ASN A 572 29.00 5.47 -8.84
N GLY A 573 29.17 6.31 -9.85
CA GLY A 573 29.50 5.85 -11.19
C GLY A 573 28.30 5.49 -12.04
N GLU A 574 27.11 5.40 -11.42
CA GLU A 574 25.89 5.04 -12.15
C GLU A 574 25.35 6.23 -12.93
N LYS A 575 24.65 5.94 -14.02
CA LYS A 575 24.07 7.01 -14.84
C LYS A 575 22.53 7.06 -14.76
N GLY A 576 21.95 7.99 -15.54
CA GLY A 576 20.51 8.27 -15.54
C GLY A 576 19.55 7.11 -15.66
N GLN A 577 19.87 6.19 -16.55
CA GLN A 577 18.98 5.05 -16.74
C GLN A 577 18.81 4.26 -15.49
N GLU A 578 19.91 4.02 -14.80
CA GLU A 578 19.89 3.19 -13.59
C GLU A 578 19.42 3.94 -12.39
N MSE A 579 19.78 5.22 -12.32
CA MSE A 579 19.46 6.03 -11.15
C MSE A 579 18.11 6.71 -11.07
O MSE A 579 17.72 7.14 -9.97
CB MSE A 579 20.55 7.10 -10.94
CG MSE A 579 21.83 6.53 -10.35
SE MSE A 579 21.60 5.82 -8.55
CE MSE A 579 20.82 7.43 -7.70
N ARG A 580 17.35 6.80 -12.17
CA ARG A 580 16.07 7.49 -12.10
C ARG A 580 15.15 6.92 -11.02
N ASN A 581 14.95 5.61 -11.06
CA ASN A 581 14.07 4.96 -10.09
C ASN A 581 14.64 4.93 -8.68
N ARG A 582 15.95 4.87 -8.57
CA ARG A 582 16.62 4.73 -7.29
C ARG A 582 16.76 6.05 -6.56
N TYR A 583 16.98 7.12 -7.31
CA TYR A 583 17.19 8.44 -6.72
C TYR A 583 16.20 8.83 -5.60
N PRO A 584 14.87 8.73 -5.86
CA PRO A 584 13.94 9.13 -4.79
C PRO A 584 14.12 8.39 -3.49
N THR A 585 14.48 7.11 -3.55
CA THR A 585 14.68 6.31 -2.36
C THR A 585 16.00 6.65 -1.67
N ASP A 586 17.04 6.99 -2.43
CA ASP A 586 18.31 7.48 -1.83
C ASP A 586 18.04 8.81 -1.09
N TYR A 587 17.22 9.65 -1.71
CA TYR A 587 16.83 10.96 -1.12
C TYR A 587 15.99 10.78 0.14
N VAL A 588 14.91 10.02 0.01
CA VAL A 588 14.00 9.80 1.15
C VAL A 588 14.73 9.11 2.33
N SER A 589 15.49 8.06 2.03
CA SER A 589 16.19 7.32 3.09
C SER A 589 17.26 8.18 3.76
N SER A 590 17.90 9.06 3.00
CA SER A 590 18.93 9.94 3.57
C SER A 590 18.34 10.86 4.62
N TYR A 591 17.21 11.47 4.31
CA TYR A 591 16.54 12.36 5.25
C TYR A 591 15.97 11.61 6.45
N PHE A 592 15.35 10.48 6.19
CA PHE A 592 14.76 9.66 7.25
C PHE A 592 15.81 9.25 8.28
N ASP A 593 16.91 8.72 7.80
CA ASP A 593 17.99 8.31 8.68
C ASP A 593 18.56 9.52 9.41
N PHE A 594 18.80 10.60 8.68
CA PHE A 594 19.36 11.82 9.30
C PHE A 594 18.49 12.35 10.44
N ALA A 595 17.20 12.53 10.15
CA ALA A 595 16.25 13.04 11.16
C ALA A 595 16.22 12.16 12.40
N LYS A 596 16.16 10.85 12.17
CA LYS A 596 16.08 9.89 13.24
C LYS A 596 17.37 9.82 14.07
N SER A 597 18.50 10.19 13.48
CA SER A 597 19.78 10.19 14.20
C SER A 597 19.78 11.25 15.31
N ILE A 598 19.03 12.33 15.12
CA ILE A 598 18.97 13.40 16.10
C ILE A 598 17.73 13.29 16.98
N ASN A 599 16.60 12.90 16.38
CA ASN A 599 15.31 12.73 17.06
C ASN A 599 14.81 11.32 16.80
N PRO A 600 14.93 10.43 17.80
CA PRO A 600 14.50 9.04 17.54
C PRO A 600 13.03 8.85 17.19
N GLU A 601 12.20 9.85 17.47
CA GLU A 601 10.77 9.78 17.19
C GLU A 601 10.40 10.38 15.83
N ALA A 602 11.40 10.77 15.03
CA ALA A 602 11.15 11.44 13.77
C ALA A 602 10.57 10.50 12.74
N VAL A 603 9.70 11.05 11.92
CA VAL A 603 9.02 10.29 10.87
C VAL A 603 9.07 11.03 9.53
N SER A 604 9.30 10.29 8.45
CA SER A 604 9.27 10.87 7.12
C SER A 604 7.92 10.57 6.45
N PHE A 605 7.56 11.46 5.54
CA PHE A 605 6.28 11.39 4.79
C PHE A 605 6.66 11.76 3.37
N SER A 606 6.56 10.80 2.46
CA SER A 606 7.03 10.96 1.09
C SER A 606 6.09 10.35 0.04
N ARG A 607 6.37 10.58 -1.23
CA ARG A 607 5.50 10.00 -2.28
C ARG A 607 6.22 9.11 -3.27
N SER A 608 7.52 9.31 -3.45
CA SER A 608 8.21 8.59 -4.49
C SER A 608 9.25 7.59 -4.02
N GLY A 609 9.46 6.54 -4.80
CA GLY A 609 10.48 5.54 -4.49
C GLY A 609 10.39 4.29 -5.34
N THR A 610 11.28 3.35 -5.05
CA THR A 610 11.31 2.07 -5.71
C THR A 610 11.52 0.99 -4.64
N SER A 611 11.97 -0.21 -5.02
CA SER A 611 12.18 -1.27 -4.03
C SER A 611 13.10 -0.75 -2.91
N GLY A 612 12.73 -1.07 -1.69
CA GLY A 612 13.50 -0.57 -0.53
C GLY A 612 12.87 0.68 0.06
N ALA A 613 11.91 1.28 -0.65
CA ALA A 613 11.21 2.48 -0.15
C ALA A 613 10.65 2.25 1.28
N GLN A 614 10.15 1.05 1.49
CA GLN A 614 9.50 0.66 2.74
C GLN A 614 10.34 0.83 4.01
N LYS A 615 11.66 0.85 3.87
CA LYS A 615 12.52 1.04 5.06
C LYS A 615 12.45 2.45 5.66
N SER A 616 11.95 3.41 4.86
CA SER A 616 12.01 4.82 5.22
C SER A 616 10.71 5.64 5.33
N GLY A 617 9.81 5.19 6.18
CA GLY A 617 8.63 5.98 6.50
C GLY A 617 7.36 5.81 5.75
N ILE A 618 6.53 6.85 5.86
CA ILE A 618 5.22 6.88 5.25
C ILE A 618 5.26 7.31 3.78
N TYR A 619 4.40 6.67 2.97
CA TYR A 619 4.20 7.03 1.57
C TYR A 619 2.75 7.43 1.35
N TRP A 620 2.51 8.62 0.80
CA TRP A 620 1.14 9.05 0.51
C TRP A 620 0.95 8.99 -1.00
N SER A 621 -0.30 8.85 -1.42
CA SER A 621 -0.62 8.64 -2.84
C SER A 621 -0.53 9.86 -3.77
N GLY A 622 -0.08 11.00 -3.28
CA GLY A 622 0.14 12.13 -4.16
C GLY A 622 -1.03 13.04 -4.43
N ASP A 623 -0.95 13.72 -5.58
CA ASP A 623 -1.87 14.78 -5.98
C ASP A 623 -3.09 14.31 -6.72
N GLN A 624 -4.24 14.30 -6.04
CA GLN A 624 -5.47 13.84 -6.64
C GLN A 624 -6.60 14.86 -6.43
N THR A 625 -7.72 14.72 -7.11
CA THR A 625 -8.84 15.64 -6.97
C THR A 625 -9.91 15.11 -6.00
N SER A 626 -10.79 15.99 -5.56
CA SER A 626 -11.85 15.64 -4.61
C SER A 626 -13.05 15.09 -5.33
N THR A 627 -12.92 13.87 -5.83
CA THR A 627 -14.04 13.20 -6.52
C THR A 627 -14.07 11.76 -6.10
N PHE A 628 -15.16 11.08 -6.42
CA PHE A 628 -15.28 9.67 -6.13
C PHE A 628 -14.36 8.85 -7.02
N ASP A 629 -14.21 9.25 -8.28
CA ASP A 629 -13.27 8.56 -9.18
C ASP A 629 -11.84 8.58 -8.60
N SER A 630 -11.45 9.71 -8.01
N SER A 630 -11.46 9.72 -8.03
CA SER A 630 -10.10 9.84 -7.43
CA SER A 630 -10.13 9.85 -7.44
C SER A 630 -9.97 9.01 -6.16
C SER A 630 -10.01 8.91 -6.22
N PHE A 631 -11.07 8.89 -5.42
CA PHE A 631 -11.15 8.06 -4.21
C PHE A 631 -10.94 6.61 -4.61
N GLN A 632 -11.58 6.19 -5.71
CA GLN A 632 -11.41 4.82 -6.21
C GLN A 632 -9.95 4.53 -6.56
N ALA A 633 -9.32 5.48 -7.26
CA ALA A 633 -7.93 5.36 -7.66
C ALA A 633 -7.00 5.29 -6.42
N SER A 634 -7.27 6.13 -5.42
CA SER A 634 -6.49 6.12 -4.20
C SER A 634 -6.51 4.76 -3.52
N LEU A 635 -7.68 4.13 -3.48
CA LEU A 635 -7.80 2.82 -2.84
C LEU A 635 -6.98 1.77 -3.61
N LYS A 636 -7.01 1.84 -4.93
CA LYS A 636 -6.23 0.92 -5.74
C LYS A 636 -4.73 1.14 -5.45
N ALA A 637 -4.34 2.41 -5.30
CA ALA A 637 -2.96 2.78 -5.03
C ALA A 637 -2.51 2.18 -3.72
N GLY A 638 -3.31 2.30 -2.69
CA GLY A 638 -2.97 1.72 -1.39
C GLY A 638 -2.90 0.18 -1.39
N LEU A 639 -3.81 -0.48 -2.11
CA LEU A 639 -3.85 -1.94 -2.15
C LEU A 639 -2.70 -2.54 -2.97
N SER A 640 -2.33 -1.87 -4.07
CA SER A 640 -1.20 -2.33 -4.87
C SER A 640 0.13 -2.04 -4.08
N ALA A 641 0.23 -0.87 -3.47
CA ALA A 641 1.41 -0.54 -2.68
C ALA A 641 1.61 -1.59 -1.57
N SER A 642 0.52 -2.00 -0.93
CA SER A 642 0.54 -3.00 0.11
C SER A 642 1.18 -4.31 -0.32
N THR A 643 0.74 -4.82 -1.47
CA THR A 643 1.27 -6.05 -2.02
C THR A 643 2.75 -5.88 -2.33
N SER A 644 3.14 -4.67 -2.68
CA SER A 644 4.53 -4.38 -3.02
C SER A 644 5.38 -4.10 -1.77
N GLY A 645 4.86 -4.36 -0.56
CA GLY A 645 5.66 -4.14 0.66
C GLY A 645 5.64 -2.74 1.27
N VAL A 646 4.82 -1.84 0.72
CA VAL A 646 4.70 -0.47 1.26
C VAL A 646 3.38 -0.48 2.02
N SER A 647 3.50 -0.71 3.33
CA SER A 647 2.36 -0.88 4.24
C SER A 647 1.90 0.40 4.92
N TYR A 648 2.86 1.26 5.30
CA TYR A 648 2.56 2.53 5.95
C TYR A 648 2.20 3.57 4.87
N TRP A 649 0.99 3.44 4.36
CA TRP A 649 0.50 4.21 3.24
C TRP A 649 -0.65 5.11 3.65
N ALA A 650 -0.64 6.29 3.06
CA ALA A 650 -1.59 7.35 3.29
C ALA A 650 -2.11 7.91 1.97
N TRP A 651 -3.14 8.73 2.10
CA TRP A 651 -3.71 9.48 0.99
C TRP A 651 -4.31 10.75 1.58
N ASP A 652 -4.50 11.75 0.73
CA ASP A 652 -5.13 12.99 1.15
C ASP A 652 -6.62 12.65 1.19
N MSE A 653 -7.18 12.40 2.37
CA MSE A 653 -8.59 12.02 2.43
C MSE A 653 -9.54 13.02 1.75
O MSE A 653 -9.47 14.19 1.99
CB MSE A 653 -9.08 11.74 3.85
CG MSE A 653 -8.85 12.86 4.83
SE MSE A 653 -9.95 12.55 6.42
CE MSE A 653 -11.55 13.27 5.59
N ALA A 654 -10.42 12.48 0.91
CA ALA A 654 -11.37 13.27 0.11
C ALA A 654 -10.72 14.16 -0.96
N GLY A 655 -9.43 13.99 -1.25
CA GLY A 655 -8.74 14.80 -2.30
C GLY A 655 -8.20 16.12 -1.75
N PHE A 656 -7.07 16.61 -2.27
CA PHE A 656 -6.50 17.84 -1.77
C PHE A 656 -6.80 19.06 -2.66
N THR A 657 -7.40 18.84 -3.81
CA THR A 657 -7.70 19.95 -4.70
C THR A 657 -8.92 19.68 -5.56
N GLY A 658 -9.28 20.68 -6.37
CA GLY A 658 -10.45 20.63 -7.23
C GLY A 658 -11.54 21.29 -6.40
N ASP A 659 -12.78 21.27 -6.89
CA ASP A 659 -13.87 21.86 -6.16
C ASP A 659 -13.94 21.17 -4.80
N TYR A 660 -14.33 21.90 -3.77
CA TYR A 660 -14.39 21.34 -2.42
C TYR A 660 -15.23 20.05 -2.38
N PRO A 661 -14.78 19.03 -1.65
CA PRO A 661 -15.59 17.82 -1.64
C PRO A 661 -17.02 18.02 -1.13
N THR A 662 -17.96 17.21 -1.64
CA THR A 662 -19.32 17.27 -1.16
C THR A 662 -19.33 16.65 0.24
N ALA A 663 -20.39 16.89 1.01
CA ALA A 663 -20.50 16.28 2.34
C ALA A 663 -20.45 14.75 2.20
N GLU A 664 -21.12 14.21 1.18
CA GLU A 664 -21.14 12.77 0.97
C GLU A 664 -19.71 12.22 0.75
N LEU A 665 -18.95 12.83 -0.15
CA LEU A 665 -17.58 12.36 -0.38
C LEU A 665 -16.72 12.48 0.90
N TYR A 666 -16.84 13.61 1.58
CA TYR A 666 -16.05 13.86 2.79
C TYR A 666 -16.34 12.77 3.82
N LYS A 667 -17.60 12.46 4.01
CA LYS A 667 -18.00 11.41 4.96
C LYS A 667 -17.53 10.00 4.54
N ARG A 668 -17.67 9.67 3.25
CA ARG A 668 -17.22 8.36 2.77
C ARG A 668 -15.70 8.19 2.89
N ALA A 669 -14.98 9.26 2.58
CA ALA A 669 -13.53 9.29 2.62
C ALA A 669 -13.01 9.22 4.06
N THR A 670 -13.69 9.92 4.96
CA THR A 670 -13.32 9.91 6.37
C THR A 670 -13.36 8.49 6.92
N ALA A 671 -14.44 7.77 6.61
CA ALA A 671 -14.65 6.38 7.08
C ALA A 671 -13.50 5.46 6.62
N MSE A 672 -13.20 5.48 5.32
CA MSE A 672 -12.11 4.68 4.78
C MSE A 672 -10.77 5.11 5.39
O MSE A 672 -9.98 4.25 5.84
CB MSE A 672 -12.07 4.74 3.22
CG MSE A 672 -10.99 3.81 2.52
SE MSE A 672 -9.15 4.50 2.54
CE MSE A 672 -8.85 5.10 0.64
N ALA A 673 -10.53 6.43 5.46
CA ALA A 673 -9.27 6.96 6.01
C ALA A 673 -8.99 6.49 7.44
N ALA A 674 -10.03 6.44 8.28
CA ALA A 674 -9.92 5.98 9.66
C ALA A 674 -9.58 4.50 9.73
N PHE A 675 -9.90 3.75 8.69
CA PHE A 675 -9.58 2.34 8.57
C PHE A 675 -8.50 2.07 7.52
N ALA A 676 -7.54 2.98 7.45
CA ALA A 676 -6.41 2.84 6.54
C ALA A 676 -5.12 2.92 7.34
N PRO A 677 -3.98 2.57 6.72
CA PRO A 677 -2.75 2.54 7.49
C PRO A 677 -2.36 3.89 8.15
N ILE A 678 -2.44 4.97 7.40
CA ILE A 678 -2.14 6.32 7.89
C ILE A 678 -3.32 7.25 7.52
N MSE A 679 -3.84 7.98 8.50
CA MSE A 679 -4.99 8.91 8.31
C MSE A 679 -4.45 10.34 8.27
O MSE A 679 -3.80 10.80 9.23
CB MSE A 679 -5.99 8.76 9.44
CG MSE A 679 -7.30 9.58 9.26
SE MSE A 679 -8.35 9.35 10.84
CE MSE A 679 -10.02 10.20 10.26
N GLN A 680 -4.76 11.04 7.19
CA GLN A 680 -4.27 12.41 6.96
C GLN A 680 -5.12 13.21 6.01
N PHE A 681 -5.43 14.44 6.41
CA PHE A 681 -6.13 15.37 5.54
C PHE A 681 -5.13 16.45 5.10
N HIS A 682 -5.40 17.00 3.93
CA HIS A 682 -4.51 17.98 3.29
C HIS A 682 -5.21 18.74 2.21
N SER A 683 -4.62 19.88 1.82
CA SER A 683 -5.18 20.72 0.78
C SER A 683 -4.10 21.48 0.06
N GLU A 684 -4.32 21.67 -1.23
CA GLU A 684 -3.33 22.31 -2.12
C GLU A 684 -3.13 23.82 -2.10
N LYS A 685 -4.23 24.56 -2.10
CA LYS A 685 -4.19 26.02 -2.28
C LYS A 685 -3.42 26.75 -1.22
N SER A 686 -2.59 27.66 -1.70
CA SER A 686 -1.69 28.41 -0.85
C SER A 686 -2.32 29.59 -0.10
N ASP A 687 -3.33 30.23 -0.66
CA ASP A 687 -3.96 31.39 0.02
C ASP A 687 -5.38 31.62 -0.50
N PRO A 688 -6.25 30.64 -0.32
CA PRO A 688 -7.60 30.77 -0.82
C PRO A 688 -8.58 31.49 0.12
N SER A 689 -9.67 31.99 -0.44
CA SER A 689 -10.75 32.57 0.33
C SER A 689 -12.02 32.13 -0.39
N PRO A 690 -12.86 31.32 0.26
CA PRO A 690 -12.77 30.76 1.60
C PRO A 690 -11.71 29.67 1.71
N SER A 691 -11.44 29.25 2.94
CA SER A 691 -10.45 28.23 3.23
C SER A 691 -10.71 26.94 2.48
N GLU A 692 -9.63 26.28 2.07
CA GLU A 692 -9.69 24.98 1.39
C GLU A 692 -9.28 23.80 2.32
N GLU A 693 -9.10 24.05 3.61
CA GLU A 693 -8.76 22.95 4.54
C GLU A 693 -9.74 21.83 4.41
N ARG A 694 -9.23 20.60 4.33
CA ARG A 694 -10.04 19.38 4.37
C ARG A 694 -10.21 18.93 5.84
N SER A 695 -10.17 19.87 6.75
CA SER A 695 -10.40 19.58 8.16
C SER A 695 -11.92 19.40 8.36
N PRO A 696 -12.36 18.71 9.42
CA PRO A 696 -13.80 18.53 9.60
C PRO A 696 -14.56 19.82 9.90
N TRP A 697 -13.95 20.74 10.66
CA TRP A 697 -14.58 22.03 10.92
C TRP A 697 -14.72 22.87 9.63
N ASN A 698 -13.70 22.86 8.78
CA ASN A 698 -13.85 23.61 7.55
C ASN A 698 -14.84 22.95 6.60
N ALA A 699 -14.94 21.61 6.66
CA ALA A 699 -15.90 20.87 5.80
C ALA A 699 -17.34 21.24 6.18
N VAL A 700 -17.60 21.37 7.48
CA VAL A 700 -18.91 21.83 7.95
C VAL A 700 -19.17 23.24 7.42
N ALA A 701 -18.17 24.11 7.53
CA ALA A 701 -18.32 25.50 7.07
C ALA A 701 -18.56 25.61 5.55
N ARG A 702 -17.80 24.86 4.76
CA ARG A 702 -17.92 24.93 3.28
C ARG A 702 -19.17 24.27 2.71
N THR A 703 -19.60 23.17 3.31
CA THR A 703 -20.78 22.46 2.82
C THR A 703 -22.06 22.84 3.55
N GLY A 704 -21.93 23.46 4.72
CA GLY A 704 -23.10 23.81 5.54
C GLY A 704 -23.70 22.60 6.25
N ASP A 705 -23.10 21.41 6.10
CA ASP A 705 -23.64 20.19 6.71
C ASP A 705 -22.98 19.93 8.08
N GLU A 706 -23.68 20.32 9.14
CA GLU A 706 -23.17 20.17 10.50
C GLU A 706 -22.92 18.74 10.94
N THR A 707 -23.61 17.79 10.30
CA THR A 707 -23.48 16.41 10.67
C THR A 707 -22.11 15.83 10.29
N ILE A 708 -21.34 16.52 9.44
CA ILE A 708 -20.00 16.04 9.13
C ILE A 708 -19.14 15.89 10.41
N LEU A 709 -19.28 16.81 11.35
CA LEU A 709 -18.46 16.74 12.55
C LEU A 709 -18.67 15.48 13.40
N PRO A 710 -19.93 15.15 13.76
CA PRO A 710 -20.12 13.94 14.57
C PRO A 710 -19.73 12.67 13.81
N THR A 711 -19.89 12.67 12.50
CA THR A 711 -19.47 11.52 11.73
C THR A 711 -17.91 11.39 11.74
N PHE A 712 -17.20 12.49 11.55
CA PHE A 712 -15.73 12.46 11.56
C PHE A 712 -15.26 12.00 12.94
N GLN A 713 -15.85 12.59 13.96
CA GLN A 713 -15.54 12.23 15.34
C GLN A 713 -15.73 10.74 15.60
N LYS A 714 -16.84 10.18 15.14
CA LYS A 714 -17.08 8.75 15.34
C LYS A 714 -15.93 7.92 14.75
N TYR A 715 -15.52 8.25 13.54
CA TYR A 715 -14.44 7.48 12.91
C TYR A 715 -13.08 7.74 13.54
N LEU A 716 -12.76 8.99 13.84
CA LEU A 716 -11.49 9.27 14.51
C LEU A 716 -11.45 8.57 15.88
N TYR A 717 -12.55 8.70 16.64
CA TYR A 717 -12.59 8.08 17.96
C TYR A 717 -12.45 6.56 17.88
N THR A 718 -13.10 5.96 16.87
CA THR A 718 -13.03 4.52 16.66
C THR A 718 -11.60 4.13 16.34
N ARG A 719 -10.92 4.90 15.47
CA ARG A 719 -9.52 4.60 15.15
C ARG A 719 -8.67 4.61 16.44
N MSE A 720 -8.87 5.60 17.29
CA MSE A 720 -8.12 5.68 18.54
C MSE A 720 -8.53 4.54 19.50
O MSE A 720 -7.71 4.06 20.28
CB MSE A 720 -8.23 7.07 19.18
CG MSE A 720 -7.78 8.18 18.21
SE MSE A 720 -5.93 7.96 17.57
CE MSE A 720 -4.97 8.63 19.15
N ASN A 721 -9.77 4.10 19.44
CA ASN A 721 -10.21 2.95 20.26
C ASN A 721 -9.46 1.72 19.76
N LEU A 722 -9.23 1.67 18.44
CA LEU A 722 -8.54 0.54 17.80
C LEU A 722 -7.00 0.70 17.71
N LEU A 723 -6.46 1.79 18.27
CA LEU A 723 -5.02 2.03 18.16
C LEU A 723 -4.16 0.86 18.63
N PRO A 724 -4.54 0.18 19.74
CA PRO A 724 -3.73 -0.99 20.13
C PRO A 724 -3.69 -2.10 19.04
N TYR A 725 -4.80 -2.32 18.35
CA TYR A 725 -4.90 -3.32 17.27
C TYR A 725 -4.10 -2.83 16.06
N ILE A 726 -4.28 -1.56 15.77
CA ILE A 726 -3.62 -0.93 14.63
C ILE A 726 -2.11 -0.94 14.81
N TYR A 727 -1.65 -0.52 15.99
CA TYR A 727 -0.20 -0.46 16.21
C TYR A 727 0.43 -1.87 16.28
N THR A 728 -0.32 -2.88 16.76
CA THR A 728 0.21 -4.24 16.77
C THR A 728 0.38 -4.66 15.28
N ALA A 729 -0.57 -4.27 14.43
CA ALA A 729 -0.49 -4.56 12.96
C ALA A 729 0.73 -3.86 12.33
N ALA A 730 1.02 -2.65 12.77
CA ALA A 730 2.18 -1.89 12.27
C ALA A 730 3.48 -2.65 12.59
N LYS A 731 3.56 -3.17 13.82
CA LYS A 731 4.69 -3.96 14.27
C LYS A 731 4.75 -5.27 13.48
N ASP A 732 3.61 -5.88 13.19
CA ASP A 732 3.63 -7.13 12.39
C ASP A 732 4.16 -6.89 10.98
N THR A 733 3.85 -5.73 10.38
CA THR A 733 4.42 -5.40 9.07
C THR A 733 5.96 -5.39 9.19
N ALA A 734 6.46 -4.69 10.20
CA ALA A 734 7.92 -4.57 10.39
C ALA A 734 8.61 -5.92 10.66
N ASP A 735 7.97 -6.79 11.44
CA ASP A 735 8.54 -8.08 11.80
C ASP A 735 8.29 -9.21 10.82
N ASN A 736 7.08 -9.28 10.27
CA ASN A 736 6.67 -10.42 9.43
C ASN A 736 6.24 -10.11 8.02
N GLY A 737 6.42 -8.87 7.61
CA GLY A 737 6.09 -8.47 6.25
C GLY A 737 4.62 -8.44 5.89
N LYS A 738 3.73 -8.51 6.88
CA LYS A 738 2.30 -8.48 6.58
C LYS A 738 1.80 -7.04 6.57
N SER A 739 1.41 -6.57 5.38
CA SER A 739 0.86 -5.22 5.23
C SER A 739 -0.42 -5.01 6.05
N MSE A 740 -0.61 -3.79 6.51
CA MSE A 740 -1.74 -3.43 7.35
C MSE A 740 -3.09 -3.50 6.63
O MSE A 740 -4.06 -3.96 7.20
CB MSE A 740 -1.53 -2.04 7.96
CG MSE A 740 -0.37 -2.03 8.88
SE MSE A 740 0.06 -0.25 9.52
CE MSE A 740 -1.55 0.14 10.67
N MSE A 741 -3.11 -3.05 5.37
CA MSE A 741 -4.30 -3.06 4.55
C MSE A 741 -3.98 -3.91 3.35
O MSE A 741 -2.99 -3.66 2.64
CB MSE A 741 -4.65 -1.63 4.11
CG MSE A 741 -5.83 -1.55 3.23
SE MSE A 741 -6.33 0.29 2.74
CE MSE A 741 -4.78 0.69 1.77
N ARG A 742 -4.85 -4.90 3.10
CA ARG A 742 -4.60 -5.87 2.03
C ARG A 742 -5.78 -6.20 1.14
N GLN A 743 -5.48 -6.36 -0.15
CA GLN A 743 -6.44 -6.76 -1.15
C GLN A 743 -6.85 -8.20 -0.79
N MSE A 744 -8.10 -8.55 -1.03
CA MSE A 744 -8.67 -9.81 -0.58
C MSE A 744 -7.92 -11.07 -1.00
O MSE A 744 -7.84 -12.05 -0.21
CB MSE A 744 -10.17 -9.91 -0.97
CG MSE A 744 -11.12 -8.83 -0.39
SE MSE A 744 -11.16 -8.72 1.55
CE MSE A 744 -11.93 -10.53 1.80
N ALA A 745 -7.34 -11.06 -2.20
CA ALA A 745 -6.66 -12.25 -2.72
C ALA A 745 -5.32 -12.48 -2.00
N MSE A 746 -4.85 -11.50 -1.21
CA MSE A 746 -3.62 -11.71 -0.43
C MSE A 746 -3.94 -12.73 0.68
O MSE A 746 -3.09 -13.54 0.98
CB MSE A 746 -3.08 -10.43 0.19
CG MSE A 746 -2.69 -9.38 -0.85
SE MSE A 746 -1.28 -10.02 -2.05
CE MSE A 746 0.13 -10.31 -0.70
N ASP A 747 -5.13 -12.68 1.26
CA ASP A 747 -5.47 -13.64 2.30
C ASP A 747 -6.27 -14.84 1.73
N TYR A 748 -6.91 -14.68 0.57
CA TYR A 748 -7.71 -15.77 -0.05
C TYR A 748 -7.38 -15.92 -1.54
N PRO A 749 -6.13 -16.36 -1.87
CA PRO A 749 -5.72 -16.46 -3.25
C PRO A 749 -6.45 -17.48 -4.11
N GLU A 750 -7.03 -18.51 -3.50
CA GLU A 750 -7.74 -19.52 -4.27
C GLU A 750 -9.19 -19.16 -4.54
N ASP A 751 -9.72 -18.20 -3.79
CA ASP A 751 -11.13 -17.81 -3.89
C ASP A 751 -11.37 -16.96 -5.13
N VAL A 752 -12.00 -17.55 -6.13
CA VAL A 752 -12.27 -16.85 -7.40
C VAL A 752 -13.05 -15.55 -7.27
N ASN A 753 -13.88 -15.42 -6.23
CA ASN A 753 -14.67 -14.22 -5.98
C ASN A 753 -13.82 -13.04 -5.49
N ALA A 754 -12.63 -13.32 -4.95
CA ALA A 754 -11.78 -12.30 -4.37
C ALA A 754 -10.71 -11.74 -5.31
N ARG A 755 -10.59 -12.30 -6.49
CA ARG A 755 -9.51 -11.92 -7.37
C ARG A 755 -9.42 -10.48 -7.83
N ASP A 756 -10.55 -9.87 -8.12
CA ASP A 756 -10.55 -8.51 -8.71
C ASP A 756 -11.12 -7.45 -7.79
N LEU A 757 -11.40 -7.81 -6.53
CA LEU A 757 -12.04 -6.86 -5.61
C LEU A 757 -11.15 -5.67 -5.30
N ASP A 758 -11.69 -4.47 -5.52
CA ASP A 758 -10.96 -3.23 -5.28
C ASP A 758 -11.75 -2.19 -4.45
N GLU A 759 -12.86 -2.63 -3.82
CA GLU A 759 -13.69 -1.74 -3.01
C GLU A 759 -13.96 -2.32 -1.62
N GLN A 760 -13.05 -3.20 -1.18
CA GLN A 760 -13.07 -3.77 0.16
C GLN A 760 -11.64 -4.30 0.39
N TYR A 761 -11.31 -4.59 1.64
CA TYR A 761 -9.97 -5.04 2.00
C TYR A 761 -9.91 -5.54 3.44
N MSE A 762 -8.81 -6.21 3.78
CA MSE A 762 -8.60 -6.65 5.13
C MSE A 762 -7.76 -5.54 5.77
O MSE A 762 -6.91 -4.93 5.09
CB MSE A 762 -7.82 -7.96 5.18
CG MSE A 762 -8.49 -9.11 4.45
SE MSE A 762 -10.19 -9.60 5.29
CE MSE A 762 -9.58 -9.88 7.12
N PHE A 763 -8.00 -5.28 7.05
CA PHE A 763 -7.27 -4.27 7.83
C PHE A 763 -6.82 -5.00 9.10
N GLY A 764 -5.51 -5.12 9.27
CA GLY A 764 -4.96 -5.93 10.34
C GLY A 764 -5.26 -7.37 9.91
N ASP A 765 -5.22 -8.32 10.84
CA ASP A 765 -5.46 -9.72 10.48
C ASP A 765 -6.90 -10.10 10.46
N ASP A 766 -7.73 -9.32 11.14
CA ASP A 766 -9.11 -9.76 11.40
C ASP A 766 -10.27 -8.93 10.93
N LEU A 767 -10.06 -7.73 10.42
CA LEU A 767 -11.19 -6.91 10.02
C LEU A 767 -11.31 -6.80 8.51
N LEU A 768 -12.55 -7.00 8.05
CA LEU A 768 -12.89 -6.86 6.63
C LEU A 768 -13.60 -5.50 6.56
N VAL A 769 -13.03 -4.58 5.80
CA VAL A 769 -13.57 -3.21 5.69
C VAL A 769 -14.08 -3.02 4.25
N ALA A 770 -15.29 -2.47 4.11
CA ALA A 770 -15.89 -2.30 2.78
C ALA A 770 -16.36 -0.87 2.57
N PRO A 771 -15.43 0.03 2.24
CA PRO A 771 -15.86 1.43 2.07
C PRO A 771 -16.78 1.61 0.89
N ILE A 772 -17.58 2.67 0.93
CA ILE A 772 -18.49 2.99 -0.15
C ILE A 772 -17.74 4.02 -0.98
N VAL A 773 -17.35 3.64 -2.20
CA VAL A 773 -16.54 4.52 -3.04
C VAL A 773 -17.25 4.95 -4.32
N GLN A 774 -18.57 4.78 -4.36
CA GLN A 774 -19.38 5.18 -5.51
C GLN A 774 -20.34 6.28 -5.08
N GLU A 775 -20.42 7.32 -5.87
CA GLU A 775 -21.30 8.43 -5.57
C GLU A 775 -22.76 7.98 -5.53
N GLY A 776 -23.46 8.43 -4.48
CA GLY A 776 -24.87 8.15 -4.30
C GLY A 776 -25.23 6.71 -3.89
N GLN A 777 -24.24 5.89 -3.66
CA GLN A 777 -24.48 4.50 -3.27
C GLN A 777 -24.85 4.33 -1.80
N THR A 778 -25.85 3.51 -1.55
CA THR A 778 -26.23 3.14 -0.17
C THR A 778 -26.36 1.60 -0.04
N GLU A 779 -26.53 0.89 -1.14
CA GLU A 779 -26.57 -0.58 -1.14
C GLU A 779 -25.19 -1.10 -1.53
N LYS A 780 -24.42 -1.49 -0.52
CA LYS A 780 -23.04 -1.92 -0.69
C LYS A 780 -22.88 -3.43 -0.73
N GLU A 781 -22.30 -3.91 -1.82
CA GLU A 781 -21.99 -5.34 -1.96
C GLU A 781 -20.70 -5.62 -1.21
N VAL A 782 -20.71 -6.70 -0.41
CA VAL A 782 -19.52 -7.10 0.32
C VAL A 782 -19.30 -8.58 0.08
N TYR A 783 -18.16 -8.95 -0.49
CA TYR A 783 -17.88 -10.36 -0.66
C TYR A 783 -17.29 -10.86 0.64
N LEU A 784 -17.91 -11.92 1.16
CA LEU A 784 -17.47 -12.54 2.42
C LEU A 784 -16.88 -13.93 2.14
N PRO A 785 -15.58 -14.11 2.41
CA PRO A 785 -14.97 -15.41 2.21
C PRO A 785 -15.55 -16.44 3.18
N GLU A 786 -15.33 -17.74 2.93
CA GLU A 786 -15.84 -18.79 3.86
C GLU A 786 -15.46 -18.45 5.28
N GLY A 787 -16.32 -18.82 6.21
CA GLY A 787 -16.10 -18.54 7.62
C GLY A 787 -17.37 -17.90 8.16
N GLU A 788 -17.23 -17.07 9.18
CA GLU A 788 -18.34 -16.35 9.79
C GLU A 788 -17.80 -14.99 10.10
N TRP A 789 -18.53 -13.97 9.71
CA TRP A 789 -18.13 -12.58 9.86
C TRP A 789 -19.14 -11.84 10.72
N VAL A 790 -18.67 -11.08 11.71
CA VAL A 790 -19.57 -10.36 12.60
C VAL A 790 -19.37 -8.86 12.51
N ASP A 791 -20.45 -8.15 12.24
CA ASP A 791 -20.47 -6.68 12.15
C ASP A 791 -19.96 -6.12 13.51
N ILE A 792 -18.86 -5.40 13.47
CA ILE A 792 -18.27 -4.90 14.72
C ILE A 792 -19.04 -3.81 15.42
N TRP A 793 -19.98 -3.20 14.71
CA TRP A 793 -20.77 -2.10 15.27
C TRP A 793 -22.01 -2.55 16.01
N ASN A 794 -22.61 -3.68 15.62
CA ASN A 794 -23.87 -4.10 16.19
C ASN A 794 -24.05 -5.59 16.51
N GLY A 795 -23.08 -6.42 16.16
CA GLY A 795 -23.16 -7.85 16.42
C GLY A 795 -23.96 -8.66 15.39
N GLY A 796 -24.25 -8.06 14.25
CA GLY A 796 -24.97 -8.78 13.21
C GLY A 796 -24.06 -9.87 12.68
N VAL A 797 -24.59 -11.09 12.55
CA VAL A 797 -23.77 -12.21 12.07
C VAL A 797 -23.97 -12.47 10.58
N HIS A 798 -22.87 -12.68 9.86
CA HIS A 798 -22.92 -12.94 8.41
C HIS A 798 -22.08 -14.16 7.99
N PRO A 799 -22.73 -15.30 7.72
CA PRO A 799 -21.93 -16.43 7.26
C PRO A 799 -21.22 -16.11 5.92
N GLY A 800 -20.00 -16.61 5.76
CA GLY A 800 -19.26 -16.38 4.54
C GLY A 800 -19.67 -17.23 3.35
N GLY A 801 -19.00 -16.98 2.23
CA GLY A 801 -19.22 -17.73 1.01
C GLY A 801 -20.19 -17.16 0.02
N GLU A 802 -20.44 -15.85 0.10
N GLU A 802 -20.42 -15.84 0.08
CA GLU A 802 -21.35 -15.19 -0.80
CA GLU A 802 -21.32 -15.20 -0.85
C GLU A 802 -21.15 -13.67 -0.74
C GLU A 802 -21.11 -13.68 -0.77
N THR A 803 -21.76 -12.96 -1.67
CA THR A 803 -21.69 -11.52 -1.71
C THR A 803 -22.98 -11.02 -1.06
N ILE A 804 -22.86 -10.27 0.03
CA ILE A 804 -24.04 -9.77 0.69
C ILE A 804 -24.29 -8.36 0.24
N SER A 805 -25.50 -7.87 0.51
N SER A 805 -25.49 -7.87 0.50
CA SER A 805 -25.89 -6.49 0.19
CA SER A 805 -25.91 -6.50 0.19
C SER A 805 -26.14 -5.85 1.54
C SER A 805 -26.15 -5.85 1.54
N TYR A 806 -25.33 -4.86 1.89
CA TYR A 806 -25.42 -4.19 3.18
C TYR A 806 -25.89 -2.76 3.01
N TYR A 807 -26.95 -2.39 3.72
CA TYR A 807 -27.47 -1.03 3.62
C TYR A 807 -26.55 -0.12 4.43
N ALA A 808 -25.88 0.79 3.74
CA ALA A 808 -24.95 1.70 4.38
C ALA A 808 -25.29 3.13 4.05
N ASP A 809 -25.92 3.84 4.99
CA ASP A 809 -26.19 5.25 4.75
C ASP A 809 -24.85 5.99 4.76
N VAL A 810 -24.88 7.29 4.46
CA VAL A 810 -23.67 8.09 4.33
C VAL A 810 -22.77 8.13 5.58
N ASP A 811 -23.33 7.83 6.76
CA ASP A 811 -22.53 7.82 8.00
C ASP A 811 -22.01 6.42 8.40
N THR A 812 -22.41 5.41 7.64
CA THR A 812 -22.11 4.01 7.96
C THR A 812 -21.01 3.36 7.13
N LEU A 813 -20.17 2.55 7.81
CA LEU A 813 -19.07 1.82 7.18
C LEU A 813 -19.16 0.35 7.52
N PRO A 814 -19.37 -0.53 6.54
CA PRO A 814 -19.43 -1.95 6.89
C PRO A 814 -18.03 -2.46 7.27
N VAL A 815 -17.89 -2.99 8.49
CA VAL A 815 -16.64 -3.53 9.02
C VAL A 815 -17.01 -4.81 9.76
N PHE A 816 -16.32 -5.91 9.44
CA PHE A 816 -16.64 -7.20 10.04
C PHE A 816 -15.41 -7.88 10.63
N ALA A 817 -15.62 -8.57 11.75
CA ALA A 817 -14.56 -9.32 12.40
C ALA A 817 -14.59 -10.79 11.98
N LYS A 818 -13.42 -11.31 11.64
CA LYS A 818 -13.25 -12.68 11.23
C LYS A 818 -13.49 -13.62 12.41
N ALA A 819 -13.94 -14.85 12.14
CA ALA A 819 -14.19 -15.86 13.18
C ALA A 819 -12.91 -16.04 13.99
N GLY A 820 -13.01 -16.02 15.32
CA GLY A 820 -11.84 -16.24 16.17
C GLY A 820 -11.01 -15.00 16.47
N ALA A 821 -11.39 -13.86 15.93
CA ALA A 821 -10.63 -12.64 16.15
C ALA A 821 -10.54 -12.26 17.63
N ILE A 822 -9.37 -11.72 17.98
CA ILE A 822 -9.04 -11.17 19.29
C ILE A 822 -8.52 -9.77 18.93
N ILE A 823 -9.23 -8.74 19.36
CA ILE A 823 -8.92 -7.34 18.99
C ILE A 823 -8.74 -6.46 20.20
N PRO A 824 -7.52 -5.98 20.43
CA PRO A 824 -7.25 -5.10 21.58
C PRO A 824 -7.75 -3.71 21.28
N MSE A 825 -8.35 -3.12 22.30
CA MSE A 825 -8.93 -1.79 22.17
C MSE A 825 -8.65 -0.95 23.40
O MSE A 825 -8.41 -1.47 24.48
CB MSE A 825 -10.45 -1.90 22.01
CG MSE A 825 -10.92 -2.74 20.77
SE MSE A 825 -12.85 -3.03 20.75
CE MSE A 825 -13.02 -3.96 19.01
N ASN A 826 -8.65 0.37 23.21
CA ASN A 826 -8.47 1.29 24.31
C ASN A 826 -9.83 1.99 24.43
N MSE A 827 -10.60 1.62 25.44
CA MSE A 827 -11.95 2.13 25.64
C MSE A 827 -12.11 3.05 26.85
O MSE A 827 -11.33 3.00 27.79
CB MSE A 827 -12.88 0.97 25.91
CG MSE A 827 -13.06 -0.08 24.86
SE MSE A 827 -13.71 0.59 23.13
CE MSE A 827 -14.98 -0.91 23.05
N THR A 828 -13.19 3.82 26.83
CA THR A 828 -13.56 4.68 27.95
C THR A 828 -14.44 3.81 28.85
N ASP A 829 -14.90 4.38 29.95
CA ASP A 829 -15.82 3.66 30.85
C ASP A 829 -17.17 3.36 30.14
N GLY A 830 -17.44 3.97 28.98
CA GLY A 830 -18.68 3.70 28.24
C GLY A 830 -18.58 2.37 27.47
N TYR A 831 -17.34 1.96 27.20
CA TYR A 831 -17.05 0.70 26.51
C TYR A 831 -17.66 0.43 25.11
N GLN A 832 -17.97 1.51 24.37
N GLN A 832 -17.96 1.48 24.35
CA GLN A 832 -18.52 1.38 23.02
CA GLN A 832 -18.50 1.30 23.01
C GLN A 832 -17.51 1.93 22.02
C GLN A 832 -17.55 1.95 22.01
N LEU A 833 -17.56 1.45 20.78
CA LEU A 833 -16.70 2.00 19.72
C LEU A 833 -17.19 3.40 19.42
N GLY A 834 -16.26 4.30 19.06
CA GLY A 834 -16.63 5.67 18.74
C GLY A 834 -16.70 6.63 19.93
N GLN A 835 -16.14 6.23 21.06
CA GLN A 835 -16.11 7.09 22.26
C GLN A 835 -14.69 7.63 22.42
N ASN A 836 -14.58 8.94 22.60
CA ASN A 836 -13.27 9.62 22.63
C ASN A 836 -12.39 9.26 23.81
N VAL A 837 -11.31 8.53 23.56
CA VAL A 837 -10.35 8.20 24.60
C VAL A 837 -9.21 9.22 24.64
N GLY A 838 -9.19 10.17 23.72
CA GLY A 838 -8.12 11.18 23.69
C GLY A 838 -7.01 10.76 22.73
N ASN A 839 -5.82 11.29 22.97
CA ASN A 839 -4.65 10.97 22.14
C ASN A 839 -3.39 10.68 22.99
N ASP A 840 -3.61 10.17 24.21
CA ASP A 840 -2.51 9.81 25.11
C ASP A 840 -1.89 8.58 24.46
N LEU A 841 -0.58 8.63 24.23
CA LEU A 841 0.10 7.49 23.61
C LEU A 841 0.90 6.69 24.65
N LYS A 842 0.94 7.17 25.89
N LYS A 842 0.94 7.19 25.89
CA LYS A 842 1.72 6.55 26.96
CA LYS A 842 1.72 6.59 26.98
C LYS A 842 0.95 5.73 27.99
C LYS A 842 0.95 5.72 27.97
N SER A 843 -0.38 5.71 27.88
CA SER A 843 -1.21 4.90 28.80
C SER A 843 -2.51 4.48 28.12
N TYR A 844 -3.17 3.51 28.74
CA TYR A 844 -4.48 3.09 28.30
C TYR A 844 -5.48 3.60 29.32
N ASP A 845 -6.72 3.76 28.85
CA ASP A 845 -7.85 4.15 29.68
C ASP A 845 -8.27 2.76 30.19
N ASN A 846 -9.16 2.06 29.47
CA ASN A 846 -9.57 0.67 29.78
C ASN A 846 -9.07 -0.26 28.64
N LEU A 847 -7.94 -0.94 28.85
CA LEU A 847 -7.41 -1.88 27.87
C LEU A 847 -8.42 -3.01 27.83
N THR A 848 -8.92 -3.26 26.62
CA THR A 848 -9.99 -4.21 26.38
C THR A 848 -9.68 -5.17 25.26
N PHE A 849 -10.10 -6.42 25.40
CA PHE A 849 -9.89 -7.38 24.29
C PHE A 849 -11.23 -7.91 23.83
N ARG A 850 -11.61 -7.52 22.63
CA ARG A 850 -12.85 -7.94 22.01
C ARG A 850 -12.60 -9.32 21.38
N VAL A 851 -13.45 -10.28 21.68
CA VAL A 851 -13.25 -11.65 21.21
C VAL A 851 -14.46 -12.24 20.51
N TYR A 852 -14.25 -12.87 19.36
CA TYR A 852 -15.30 -13.57 18.62
C TYR A 852 -14.89 -15.03 18.62
N PRO A 853 -15.31 -15.78 19.65
CA PRO A 853 -14.89 -17.17 19.80
C PRO A 853 -15.29 -18.09 18.67
N SER A 854 -14.32 -18.89 18.23
CA SER A 854 -14.47 -19.87 17.16
C SER A 854 -13.24 -20.77 17.25
N GLY A 855 -13.41 -21.97 17.80
CA GLY A 855 -12.32 -22.89 18.00
C GLY A 855 -11.26 -22.27 18.91
N ASP A 856 -10.00 -22.66 18.68
CA ASP A 856 -8.87 -22.15 19.43
C ASP A 856 -8.19 -21.08 18.61
N SER A 857 -8.08 -19.89 19.17
CA SER A 857 -7.40 -18.81 18.47
C SER A 857 -6.41 -18.16 19.44
N GLU A 858 -5.39 -17.54 18.85
CA GLU A 858 -4.34 -16.88 19.62
C GLU A 858 -4.02 -15.53 19.02
N TYR A 859 -3.48 -14.65 19.86
CA TYR A 859 -3.11 -13.33 19.43
C TYR A 859 -1.92 -12.85 20.24
N SER A 860 -0.97 -12.25 19.55
CA SER A 860 0.23 -11.70 20.18
C SER A 860 0.11 -10.18 20.17
N PHE A 861 -0.17 -9.61 21.35
CA PHE A 861 -0.35 -8.17 21.50
C PHE A 861 0.98 -7.43 21.76
N TYR A 862 1.22 -6.36 21.03
CA TYR A 862 2.43 -5.55 21.25
C TYR A 862 2.07 -4.44 22.24
N ASP A 863 2.42 -4.66 23.51
CA ASP A 863 2.10 -3.73 24.58
C ASP A 863 3.14 -2.63 24.64
N ASP A 864 3.08 -1.71 23.70
CA ASP A 864 4.09 -0.65 23.61
C ASP A 864 4.08 0.27 24.81
N VAL A 865 2.91 0.48 25.42
CA VAL A 865 2.77 1.32 26.62
C VAL A 865 3.62 0.79 27.76
N ASN A 866 3.72 -0.54 27.84
CA ASN A 866 4.47 -1.20 28.90
C ASN A 866 5.76 -1.84 28.42
N GLY A 867 6.65 -1.01 27.88
CA GLY A 867 7.97 -1.47 27.45
C GLY A 867 8.05 -2.25 26.15
N GLY A 868 6.93 -2.40 25.47
CA GLY A 868 6.92 -3.14 24.21
C GLY A 868 6.92 -4.65 24.42
N GLU A 869 6.40 -5.09 25.56
CA GLU A 869 6.32 -6.53 25.86
C GLU A 869 5.27 -7.23 24.97
N MSE A 870 5.57 -8.47 24.59
N MSE A 870 5.57 -8.45 24.51
CA MSE A 870 4.66 -9.28 23.79
CA MSE A 870 4.61 -9.20 23.70
C MSE A 870 3.70 -10.00 24.73
C MSE A 870 3.70 -10.02 24.63
O MSE A 870 4.14 -10.72 25.61
O MSE A 870 4.19 -10.87 25.37
CB MSE A 870 5.46 -10.35 23.02
CB MSE A 870 5.32 -10.13 22.68
CG MSE A 870 4.58 -11.28 22.21
CG MSE A 870 6.16 -9.38 21.61
SE MSE A 870 5.57 -12.71 21.29
SE MSE A 870 5.14 -8.29 20.32
CE MSE A 870 6.88 -11.62 20.34
CE MSE A 870 4.33 -9.67 19.22
N ARG A 871 2.39 -9.77 24.58
CA ARG A 871 1.40 -10.46 25.43
C ARG A 871 0.63 -11.48 24.60
N ASP A 872 0.84 -12.77 24.89
CA ASP A 872 0.17 -13.84 24.14
C ASP A 872 -1.16 -14.22 24.77
N ILE A 873 -2.25 -13.90 24.07
CA ILE A 873 -3.58 -14.18 24.56
C ILE A 873 -4.10 -15.37 23.78
N SER A 874 -4.75 -16.27 24.48
CA SER A 874 -5.26 -17.46 23.84
C SER A 874 -6.73 -17.60 24.22
N VAL A 875 -7.56 -18.01 23.27
CA VAL A 875 -8.98 -18.23 23.53
C VAL A 875 -9.37 -19.62 23.08
N SER A 876 -10.15 -20.33 23.89
CA SER A 876 -10.58 -21.67 23.53
C SER A 876 -12.09 -21.77 23.62
N GLU A 877 -12.70 -21.75 22.44
CA GLU A 877 -14.14 -21.84 22.34
C GLU A 877 -14.60 -23.30 22.50
N ASP A 878 -15.58 -23.52 23.39
CA ASP A 878 -16.10 -24.87 23.61
C ASP A 878 -17.62 -24.78 23.87
N PHE A 879 -18.30 -24.12 22.93
CA PHE A 879 -19.75 -23.96 22.99
C PHE A 879 -20.50 -25.29 23.10
N ALA A 880 -19.92 -26.37 22.58
CA ALA A 880 -20.59 -27.68 22.69
C ALA A 880 -20.83 -28.05 24.16
N ASN A 881 -19.95 -27.55 25.03
CA ASN A 881 -20.04 -27.75 26.47
C ASN A 881 -20.33 -26.45 27.22
N GLU A 882 -20.90 -25.50 26.48
CA GLU A 882 -21.30 -24.19 26.97
C GLU A 882 -20.23 -23.43 27.75
N LYS A 883 -19.01 -23.43 27.20
CA LYS A 883 -17.88 -22.75 27.80
C LYS A 883 -16.99 -22.07 26.79
N VAL A 884 -16.38 -20.98 27.26
CA VAL A 884 -15.36 -20.25 26.50
C VAL A 884 -14.30 -19.91 27.54
N SER A 885 -13.07 -20.30 27.25
CA SER A 885 -11.97 -20.07 28.16
C SER A 885 -10.96 -19.08 27.57
N VAL A 886 -10.40 -18.23 28.41
CA VAL A 886 -9.39 -17.27 27.97
C VAL A 886 -8.16 -17.44 28.86
N ASP A 887 -6.99 -17.55 28.25
CA ASP A 887 -5.76 -17.63 29.01
C ASP A 887 -5.08 -16.28 28.85
N LEU A 888 -5.21 -15.48 29.91
CA LEU A 888 -4.67 -14.12 29.95
C LEU A 888 -3.26 -14.19 30.53
N PRO A 889 -2.28 -13.67 29.79
CA PRO A 889 -0.95 -13.68 30.32
C PRO A 889 -0.80 -12.56 31.35
N ALA A 890 0.37 -12.48 31.98
CA ALA A 890 0.63 -11.40 32.94
C ALA A 890 0.42 -10.08 32.20
N MSE A 891 -0.19 -9.12 32.88
CA MSE A 891 -0.44 -7.78 32.33
C MSE A 891 -0.06 -6.75 33.37
O MSE A 891 -0.16 -6.99 34.56
CB MSE A 891 -1.92 -7.59 32.01
CG MSE A 891 -2.55 -8.63 31.10
SE MSE A 891 -1.91 -8.60 29.24
CE MSE A 891 -2.42 -6.79 28.75
N ALA A 892 0.34 -5.57 32.90
CA ALA A 892 0.71 -4.46 33.79
C ALA A 892 -0.53 -3.69 34.21
N ASP A 893 -1.57 -3.78 33.38
CA ASP A 893 -2.82 -3.08 33.60
C ASP A 893 -3.98 -4.01 33.83
N GLU A 894 -5.04 -3.43 34.38
CA GLU A 894 -6.32 -4.10 34.54
C GLU A 894 -6.84 -4.38 33.12
N THR A 895 -7.47 -5.54 32.92
CA THR A 895 -7.99 -5.90 31.58
C THR A 895 -9.48 -6.20 31.55
N THR A 896 -10.11 -5.84 30.43
CA THR A 896 -11.52 -6.13 30.22
C THR A 896 -11.72 -6.97 28.96
N MSE A 897 -12.30 -8.14 29.09
CA MSE A 897 -12.59 -8.94 27.91
C MSE A 897 -14.01 -8.61 27.49
O MSE A 897 -14.87 -8.40 28.35
CB MSE A 897 -12.60 -10.46 28.22
CG MSE A 897 -11.40 -11.03 28.96
SE MSE A 897 -9.75 -10.76 27.97
CE MSE A 897 -10.27 -11.72 26.32
N GLN A 898 -14.26 -8.54 26.19
CA GLN A 898 -15.62 -8.39 25.66
C GLN A 898 -15.80 -9.60 24.73
N VAL A 899 -16.44 -10.64 25.26
CA VAL A 899 -16.62 -11.89 24.55
C VAL A 899 -18.01 -12.01 23.95
N PHE A 900 -18.07 -12.17 22.62
CA PHE A 900 -19.34 -12.30 21.87
C PHE A 900 -19.96 -13.67 22.20
N SER A 901 -21.06 -13.66 22.96
CA SER A 901 -21.72 -14.88 23.40
C SER A 901 -23.07 -14.59 24.02
N THR A 902 -23.78 -15.63 24.43
CA THR A 902 -25.05 -15.45 25.18
C THR A 902 -24.62 -15.13 26.62
N GLU A 903 -25.58 -14.80 27.49
CA GLU A 903 -25.23 -14.46 28.87
C GLU A 903 -24.77 -15.68 29.68
N PRO A 904 -23.59 -15.60 30.34
CA PRO A 904 -23.12 -16.74 31.15
C PRO A 904 -23.87 -16.96 32.44
N THR A 905 -23.81 -18.19 32.96
CA THR A 905 -24.43 -18.50 34.23
C THR A 905 -23.46 -18.14 35.34
N SER A 906 -22.17 -18.21 35.02
CA SER A 906 -21.10 -17.83 35.93
C SER A 906 -19.82 -17.60 35.14
N VAL A 907 -18.88 -16.90 35.76
CA VAL A 907 -17.59 -16.63 35.16
C VAL A 907 -16.56 -16.82 36.29
N THR A 908 -15.53 -17.63 36.05
CA THR A 908 -14.48 -17.85 37.03
C THR A 908 -13.13 -17.30 36.53
N ILE A 909 -12.28 -16.86 37.46
CA ILE A 909 -10.92 -16.45 37.15
C ILE A 909 -10.07 -17.28 38.10
N ASP A 910 -9.30 -18.21 37.54
CA ASP A 910 -8.48 -19.12 38.34
C ASP A 910 -9.35 -19.96 39.29
N GLY A 911 -10.47 -20.46 38.77
CA GLY A 911 -11.38 -21.30 39.56
C GLY A 911 -12.33 -20.62 40.55
N ALA A 912 -12.10 -19.34 40.85
CA ALA A 912 -12.99 -18.63 41.80
C ALA A 912 -14.00 -17.81 41.01
N ASP A 913 -15.26 -17.83 41.46
CA ASP A 913 -16.30 -17.07 40.77
C ASP A 913 -16.11 -15.59 40.98
N VAL A 914 -16.31 -14.82 39.92
CA VAL A 914 -16.25 -13.38 40.02
C VAL A 914 -17.70 -12.90 40.01
N ALA A 915 -17.94 -11.80 40.72
CA ALA A 915 -19.28 -11.27 40.89
C ALA A 915 -19.92 -10.68 39.63
N LYS A 916 -21.20 -11.04 39.44
CA LYS A 916 -21.98 -10.51 38.35
C LYS A 916 -22.41 -9.08 38.67
N ALA A 917 -22.15 -8.16 37.75
CA ALA A 917 -22.56 -6.76 37.89
C ALA A 917 -23.85 -6.63 37.08
N ASP A 918 -24.88 -6.01 37.65
CA ASP A 918 -26.17 -5.85 36.97
C ASP A 918 -26.14 -4.69 35.97
N THR A 919 -25.34 -3.66 36.23
CA THR A 919 -25.24 -2.54 35.32
C THR A 919 -23.80 -2.21 34.96
N LEU A 920 -23.65 -1.38 33.94
CA LEU A 920 -22.32 -0.96 33.52
C LEU A 920 -21.65 -0.12 34.63
N ASP A 921 -22.44 0.67 35.37
CA ASP A 921 -21.90 1.47 36.49
C ASP A 921 -21.28 0.53 37.53
N ALA A 922 -22.01 -0.51 37.89
CA ALA A 922 -21.54 -1.51 38.86
C ALA A 922 -20.24 -2.15 38.34
N PHE A 923 -20.23 -2.50 37.07
CA PHE A 923 -19.03 -3.11 36.45
C PHE A 923 -17.81 -2.19 36.59
N ASN A 924 -18.00 -0.92 36.33
CA ASN A 924 -16.91 0.05 36.45
C ASN A 924 -16.40 0.23 37.88
N GLU A 925 -17.28 0.06 38.87
CA GLU A 925 -16.89 0.15 40.28
C GLU A 925 -16.09 -1.07 40.79
N ALA A 926 -16.46 -2.27 40.32
CA ALA A 926 -15.79 -3.52 40.74
C ALA A 926 -14.33 -3.58 40.33
N THR A 927 -13.55 -4.34 41.09
CA THR A 927 -12.12 -4.53 40.77
C THR A 927 -11.97 -5.79 39.90
N THR A 928 -12.94 -6.70 40.03
CA THR A 928 -13.03 -7.91 39.22
C THR A 928 -14.53 -8.17 39.09
N GLY A 929 -14.94 -8.85 38.05
CA GLY A 929 -16.34 -9.18 37.85
C GLY A 929 -16.71 -9.34 36.40
N TYR A 930 -17.99 -9.57 36.13
CA TYR A 930 -18.46 -9.68 34.76
C TYR A 930 -19.80 -8.98 34.61
N TYR A 931 -20.07 -8.55 33.38
CA TYR A 931 -21.30 -7.86 33.04
C TYR A 931 -21.69 -8.24 31.63
N TYR A 932 -22.98 -8.42 31.40
CA TYR A 932 -23.46 -8.78 30.08
C TYR A 932 -24.20 -7.63 29.41
N ASP A 933 -23.66 -7.22 28.27
CA ASP A 933 -24.19 -6.15 27.41
C ASP A 933 -25.21 -6.79 26.49
N THR A 934 -26.48 -6.55 26.77
CA THR A 934 -27.58 -7.16 26.02
C THR A 934 -27.76 -6.64 24.60
N VAL A 935 -27.34 -5.41 24.35
CA VAL A 935 -27.48 -4.82 23.03
C VAL A 935 -26.46 -5.39 22.05
N GLN A 936 -25.22 -5.53 22.52
CA GLN A 936 -24.11 -6.02 21.69
C GLN A 936 -23.85 -7.54 21.83
N ASN A 937 -24.57 -8.21 22.73
CA ASN A 937 -24.34 -9.62 22.99
C ASN A 937 -22.87 -9.90 23.33
N LEU A 938 -22.32 -9.07 24.21
CA LEU A 938 -20.93 -9.19 24.68
C LEU A 938 -20.90 -9.36 26.19
N THR A 939 -20.12 -10.32 26.65
CA THR A 939 -19.91 -10.54 28.04
C THR A 939 -18.60 -9.83 28.43
N TYR A 940 -18.69 -8.82 29.26
CA TYR A 940 -17.51 -8.12 29.75
C TYR A 940 -17.00 -8.89 30.96
N VAL A 941 -15.68 -9.07 31.05
CA VAL A 941 -15.06 -9.73 32.19
C VAL A 941 -13.85 -8.87 32.57
N LYS A 942 -13.80 -8.42 33.82
CA LYS A 942 -12.69 -7.59 34.28
C LYS A 942 -11.74 -8.41 35.14
N ALA A 943 -10.46 -8.34 34.81
CA ALA A 943 -9.39 -9.05 35.50
C ALA A 943 -8.35 -8.04 35.97
N ALA A 944 -7.95 -8.13 37.23
CA ALA A 944 -6.95 -7.21 37.80
C ALA A 944 -5.56 -7.51 37.24
N ALA A 945 -4.67 -6.51 37.34
CA ALA A 945 -3.29 -6.65 36.87
C ALA A 945 -2.55 -7.70 37.71
N LYS A 946 -1.84 -8.61 37.05
CA LYS A 946 -1.06 -9.64 37.77
C LYS A 946 0.22 -10.05 37.07
N ASP A 947 1.23 -10.36 37.88
CA ASP A 947 2.51 -10.85 37.37
C ASP A 947 2.43 -12.35 37.10
N ALA A 948 1.26 -12.83 36.71
CA ALA A 948 1.07 -14.24 36.43
C ALA A 948 -0.14 -14.41 35.52
N LYS A 949 -0.18 -15.53 34.80
CA LYS A 949 -1.28 -15.83 33.93
C LYS A 949 -2.55 -15.97 34.76
N GLN A 950 -3.68 -15.74 34.11
CA GLN A 950 -4.98 -15.89 34.75
C GLN A 950 -5.88 -16.68 33.81
N ALA A 951 -6.49 -17.73 34.32
CA ALA A 951 -7.37 -18.58 33.51
C ALA A 951 -8.81 -18.11 33.74
N ILE A 952 -9.42 -17.56 32.68
CA ILE A 952 -10.78 -17.07 32.74
C ILE A 952 -11.67 -18.07 32.07
N VAL A 953 -12.79 -18.41 32.70
CA VAL A 953 -13.72 -19.35 32.09
C VAL A 953 -15.14 -18.80 32.19
N LEU A 954 -15.81 -18.70 31.03
CA LEU A 954 -17.21 -18.27 30.99
C LEU A 954 -18.02 -19.54 30.89
N ASN A 955 -18.92 -19.75 31.85
CA ASN A 955 -19.76 -20.94 31.90
C ASN A 955 -21.21 -20.68 31.45
N GLY A 956 -21.85 -21.72 30.93
CA GLY A 956 -23.25 -21.64 30.47
C GLY A 956 -23.48 -20.73 29.29
N VAL A 957 -22.44 -20.50 28.50
CA VAL A 957 -22.52 -19.62 27.33
C VAL A 957 -22.65 -20.38 26.00
N ASN A 958 -23.38 -19.77 25.07
CA ASN A 958 -23.54 -20.32 23.74
C ASN A 958 -23.15 -19.28 22.72
N HIS A 959 -23.17 -19.67 21.45
CA HIS A 959 -22.84 -18.73 20.39
C HIS A 959 -23.85 -17.60 20.53
N ALA A 960 -23.38 -16.37 20.41
CA ALA A 960 -24.26 -15.20 20.50
C ALA A 960 -25.55 -15.39 19.69
N PRO A 961 -26.66 -14.79 20.15
CA PRO A 961 -27.88 -14.96 19.38
C PRO A 961 -27.86 -14.35 18.00
N TYR A 962 -28.73 -14.88 17.13
CA TYR A 962 -28.97 -14.36 15.81
C TYR A 962 -30.22 -13.53 16.05
N GLU A 963 -30.04 -12.22 16.07
CA GLU A 963 -31.14 -11.30 16.36
C GLU A 963 -32.15 -11.25 15.23
N ALA A 964 -33.41 -11.49 15.58
CA ALA A 964 -34.49 -11.46 14.61
C ALA A 964 -34.47 -10.14 13.92
N GLU A 965 -34.26 -9.11 14.75
CA GLU A 965 -34.18 -7.75 14.32
C GLU A 965 -33.07 -7.46 13.28
N PHE A 966 -32.15 -8.40 13.04
CA PHE A 966 -31.12 -8.19 12.01
C PHE A 966 -31.28 -9.17 10.82
N GLY A 967 -32.33 -9.99 10.82
CA GLY A 967 -32.52 -10.92 9.73
C GLY A 967 -33.11 -10.28 8.47
N HIS A 968 -33.40 -11.12 7.48
CA HIS A 968 -34.03 -10.66 6.24
C HIS A 968 -35.54 -10.68 6.51
N LEU A 969 -36.17 -9.51 6.42
CA LEU A 969 -37.60 -9.36 6.72
C LEU A 969 -38.48 -9.20 5.47
N THR A 970 -39.65 -9.86 5.47
CA THR A 970 -40.60 -9.78 4.36
C THR A 970 -41.98 -9.38 4.89
N ASN A 971 -42.45 -8.20 4.46
CA ASN A 971 -43.76 -7.67 4.85
C ASN A 971 -43.93 -7.51 6.36
N VAL A 972 -42.83 -7.38 7.07
CA VAL A 972 -42.85 -7.18 8.50
C VAL A 972 -41.76 -6.17 8.74
N THR A 973 -41.83 -5.46 9.87
CA THR A 973 -40.84 -4.46 10.20
C THR A 973 -40.37 -4.68 11.63
N THR A 974 -39.41 -3.87 12.06
CA THR A 974 -38.82 -3.98 13.39
C THR A 974 -39.38 -2.93 14.36
N ALA A 975 -39.34 -3.27 15.65
CA ALA A 975 -39.80 -2.37 16.73
C ALA A 975 -39.10 -2.69 18.05
N SER A 976 -39.21 -1.80 19.03
CA SER A 976 -38.60 -1.99 20.36
C SER A 976 -39.45 -1.33 21.45
N HIS A 978 -41.07 -3.58 24.55
CA HIS A 978 -41.12 -4.37 25.78
C HIS A 978 -39.74 -4.80 26.24
N ALA A 979 -39.37 -4.39 27.45
CA ALA A 979 -38.04 -4.69 28.01
C ALA A 979 -37.73 -6.20 28.21
N GLY A 980 -36.43 -6.53 28.18
CA GLY A 980 -36.00 -7.91 28.39
C GLY A 980 -35.43 -8.60 27.15
N TYR A 981 -35.50 -7.91 26.01
CA TYR A 981 -34.99 -8.40 24.71
C TYR A 981 -33.48 -8.28 24.58
N THR A 982 -32.90 -9.08 23.70
CA THR A 982 -31.47 -8.99 23.39
C THR A 982 -31.36 -8.20 22.10
N GLY A 983 -30.18 -7.65 21.83
CA GLY A 983 -29.99 -6.82 20.64
C GLY A 983 -30.64 -5.45 20.79
N THR A 984 -31.06 -4.87 19.67
CA THR A 984 -31.69 -3.54 19.67
C THR A 984 -33.21 -3.58 19.86
N GLY A 985 -33.80 -4.77 19.83
CA GLY A 985 -35.23 -4.91 19.99
C GLY A 985 -35.72 -6.28 19.54
N PHE A 986 -36.62 -6.27 18.57
CA PHE A 986 -37.27 -7.49 18.05
C PHE A 986 -38.11 -7.20 16.79
N VAL A 987 -38.56 -8.26 16.13
CA VAL A 987 -39.40 -8.15 14.95
C VAL A 987 -40.82 -8.14 15.50
N ALA A 988 -41.61 -7.16 15.09
CA ALA A 988 -42.99 -7.05 15.55
C ALA A 988 -43.99 -7.03 14.41
N GLY A 989 -45.25 -7.28 14.74
CA GLY A 989 -46.30 -7.30 13.75
C GLY A 989 -46.18 -8.53 12.88
N PHE A 990 -45.63 -9.59 13.47
CA PHE A 990 -45.47 -10.86 12.79
C PHE A 990 -46.72 -11.62 13.22
N ASP A 991 -47.75 -11.50 12.39
CA ASP A 991 -49.07 -12.08 12.69
C ASP A 991 -49.99 -12.28 11.49
N ALA A 992 -49.46 -12.22 10.27
CA ALA A 992 -50.29 -12.41 9.09
C ALA A 992 -49.54 -13.16 8.01
N GLU A 993 -50.28 -13.98 7.27
CA GLU A 993 -49.75 -14.80 6.18
C GLU A 993 -48.89 -14.01 5.21
N LYS A 994 -47.89 -14.68 4.63
CA LYS A 994 -46.97 -14.07 3.64
C LYS A 994 -45.79 -13.30 4.30
N GLU A 995 -45.88 -13.09 5.62
CA GLU A 995 -44.83 -12.43 6.39
C GLU A 995 -43.71 -13.46 6.60
N ALA A 996 -42.48 -13.00 6.82
CA ALA A 996 -41.35 -13.91 7.03
C ALA A 996 -40.13 -13.24 7.66
N VAL A 997 -39.34 -14.02 8.40
CA VAL A 997 -38.07 -13.58 9.01
C VAL A 997 -37.08 -14.67 8.65
N GLU A 998 -36.06 -14.30 7.88
CA GLU A 998 -35.07 -15.27 7.45
C GLU A 998 -33.70 -15.00 8.05
N PHE A 999 -33.04 -16.10 8.43
CA PHE A 999 -31.71 -16.07 9.02
C PHE A 999 -30.66 -16.80 8.20
N ASP A 1000 -29.44 -16.29 8.25
CA ASP A 1000 -28.28 -16.90 7.65
C ASP A 1000 -27.55 -17.47 8.85
N ILE A 1001 -27.65 -18.79 9.04
CA ILE A 1001 -27.08 -19.44 10.22
C ILE A 1001 -25.95 -20.40 9.98
N ASP A 1002 -24.96 -20.33 10.86
CA ASP A 1002 -23.80 -21.18 10.84
C ASP A 1002 -23.89 -22.32 11.83
N ALA A 1003 -23.38 -23.48 11.42
CA ALA A 1003 -23.31 -24.62 12.33
C ALA A 1003 -22.17 -24.25 13.29
N VAL A 1004 -22.37 -24.39 14.59
CA VAL A 1004 -21.29 -24.01 15.53
C VAL A 1004 -20.03 -24.91 15.37
N ASP A 1005 -20.22 -26.21 15.13
CA ASP A 1005 -19.13 -27.19 14.98
C ASP A 1005 -19.33 -28.15 13.78
N GLY A 1006 -19.55 -27.62 12.60
CA GLY A 1006 -19.75 -28.47 11.44
C GLY A 1006 -21.11 -29.13 11.32
N ALA A 1007 -21.29 -29.89 10.24
CA ALA A 1007 -22.58 -30.55 9.93
C ALA A 1007 -23.03 -31.44 11.08
N SER A 1008 -24.24 -31.22 11.55
CA SER A 1008 -24.74 -31.98 12.68
C SER A 1008 -26.12 -31.54 13.10
N ASP A 1009 -26.74 -32.33 13.98
CA ASP A 1009 -28.01 -31.91 14.55
C ASP A 1009 -27.67 -30.91 15.65
N TYR A 1010 -28.54 -29.91 15.80
CA TYR A 1010 -28.43 -28.88 16.84
C TYR A 1010 -29.79 -28.57 17.45
N THR A 1011 -29.79 -27.76 18.49
CA THR A 1011 -31.03 -27.30 19.10
C THR A 1011 -31.11 -25.82 18.85
N MSE A 1012 -32.22 -25.38 18.26
CA MSE A 1012 -32.46 -23.96 18.01
C MSE A 1012 -33.49 -23.41 19.00
O MSE A 1012 -34.62 -23.86 19.03
CB MSE A 1012 -32.97 -23.74 16.58
CG MSE A 1012 -33.32 -22.30 16.29
SE MSE A 1012 -33.71 -21.97 14.43
CE MSE A 1012 -35.28 -23.14 14.30
N GLU A 1013 -33.04 -22.47 19.83
CA GLU A 1013 -33.89 -21.77 20.78
C GLU A 1013 -34.55 -20.63 20.03
N VAL A 1014 -35.87 -20.52 20.14
CA VAL A 1014 -36.64 -19.46 19.50
C VAL A 1014 -37.24 -18.60 20.62
N ARG A 1015 -36.67 -17.42 20.86
CA ARG A 1015 -37.15 -16.51 21.92
C ARG A 1015 -38.15 -15.50 21.36
N TYR A 1016 -39.33 -15.50 21.98
CA TYR A 1016 -40.46 -14.71 21.52
C TYR A 1016 -41.39 -14.37 22.66
N SER A 1017 -42.44 -13.62 22.35
CA SER A 1017 -43.49 -13.32 23.32
C SER A 1017 -44.82 -13.45 22.59
N ALA A 1018 -45.80 -14.04 23.26
CA ALA A 1018 -47.11 -14.22 22.68
C ALA A 1018 -48.10 -14.08 23.83
N GLY A 1019 -48.42 -12.84 24.17
CA GLY A 1019 -49.32 -12.57 25.29
C GLY A 1019 -50.80 -12.66 25.00
N VAL A 1020 -51.18 -12.86 23.74
CA VAL A 1020 -52.60 -12.91 23.38
C VAL A 1020 -53.17 -14.27 22.98
N GLU A 1021 -52.30 -15.21 22.60
CA GLU A 1021 -52.76 -16.51 22.12
C GLU A 1021 -51.56 -17.41 21.72
N ASP A 1022 -51.81 -18.72 21.58
CA ASP A 1022 -50.75 -19.64 21.11
C ASP A 1022 -50.59 -19.40 19.62
N ALA A 1023 -49.34 -19.37 19.17
CA ALA A 1023 -49.02 -19.15 17.77
C ALA A 1023 -48.28 -20.34 17.18
N THR A 1024 -48.30 -20.41 15.86
CA THR A 1024 -47.53 -21.45 15.15
C THR A 1024 -46.90 -20.82 13.89
N ARG A 1025 -45.70 -21.28 13.56
CA ARG A 1025 -45.01 -20.87 12.34
C ARG A 1025 -44.43 -22.11 11.68
N THR A 1026 -44.18 -22.01 10.39
CA THR A 1026 -43.61 -23.11 9.64
C THR A 1026 -42.17 -22.66 9.38
N VAL A 1027 -41.21 -23.51 9.79
CA VAL A 1027 -39.79 -23.23 9.64
C VAL A 1027 -39.16 -24.13 8.55
N TYR A 1028 -38.35 -23.52 7.68
CA TYR A 1028 -37.65 -24.22 6.63
C TYR A 1028 -36.15 -24.12 6.93
N ILE A 1029 -35.49 -25.28 6.99
CA ILE A 1029 -34.06 -25.38 7.22
C ILE A 1029 -33.48 -25.95 5.94
N ASN A 1030 -32.82 -25.09 5.15
CA ASN A 1030 -32.26 -25.48 3.85
C ASN A 1030 -33.31 -26.20 2.98
N GLY A 1031 -34.56 -25.70 3.05
CA GLY A 1031 -35.67 -26.22 2.25
C GLY A 1031 -36.53 -27.29 2.91
N LYS A 1032 -36.10 -27.77 4.08
CA LYS A 1032 -36.81 -28.83 4.78
C LYS A 1032 -37.72 -28.20 5.80
N LYS A 1033 -38.99 -28.50 5.65
CA LYS A 1033 -40.04 -27.91 6.47
C LYS A 1033 -40.35 -28.61 7.79
N GLN A 1034 -40.71 -27.79 8.78
CA GLN A 1034 -41.23 -28.25 10.07
C GLN A 1034 -42.14 -27.14 10.62
N GLN A 1035 -43.13 -27.52 11.40
CA GLN A 1035 -44.03 -26.55 12.03
C GLN A 1035 -43.67 -26.45 13.49
N ILE A 1036 -43.66 -25.25 14.05
CA ILE A 1036 -43.37 -25.11 15.48
C ILE A 1036 -44.54 -24.42 16.19
N THR A 1037 -44.66 -24.67 17.49
CA THR A 1037 -45.72 -24.10 18.33
C THR A 1037 -45.09 -23.26 19.44
N LEU A 1038 -45.58 -22.03 19.55
CA LEU A 1038 -45.06 -21.06 20.50
C LEU A 1038 -46.20 -20.71 21.46
N PRO A 1039 -46.20 -21.33 22.66
CA PRO A 1039 -47.27 -21.13 23.64
C PRO A 1039 -47.44 -19.70 24.15
N LYS A 1040 -48.67 -19.35 24.50
CA LYS A 1040 -48.98 -18.04 25.04
C LYS A 1040 -48.03 -17.73 26.20
N THR A 1041 -47.61 -16.47 26.32
CA THR A 1041 -46.78 -16.04 27.44
C THR A 1041 -47.69 -15.26 28.39
N ALA A 1042 -47.26 -15.11 29.65
CA ALA A 1042 -48.05 -14.39 30.68
C ALA A 1042 -48.65 -13.08 30.16
N ASN A 1043 -47.85 -12.33 29.42
CA ASN A 1043 -48.26 -11.06 28.83
C ASN A 1043 -47.17 -10.65 27.82
N TRP A 1044 -47.28 -9.45 27.23
CA TRP A 1044 -46.26 -9.02 26.25
C TRP A 1044 -44.92 -8.61 26.88
N ASP A 1045 -44.86 -8.57 28.21
CA ASP A 1045 -43.63 -8.26 28.94
C ASP A 1045 -42.95 -9.55 29.40
N THR A 1046 -43.54 -10.70 29.07
CA THR A 1046 -43.01 -11.99 29.47
C THR A 1046 -42.45 -12.72 28.24
N TRP A 1047 -41.14 -12.78 28.11
CA TRP A 1047 -40.54 -13.51 26.97
C TRP A 1047 -40.48 -14.98 27.31
N ASN A 1048 -40.48 -15.83 26.27
CA ASN A 1048 -40.40 -17.27 26.42
C ASN A 1048 -39.52 -17.85 25.30
N THR A 1049 -38.92 -19.01 25.54
CA THR A 1049 -38.09 -19.63 24.53
C THR A 1049 -38.51 -21.08 24.33
N VAL A 1050 -38.68 -21.46 23.07
CA VAL A 1050 -39.04 -22.83 22.72
C VAL A 1050 -37.84 -23.42 21.99
N GLU A 1051 -37.54 -24.69 22.30
CA GLU A 1051 -36.42 -25.37 21.67
C GLU A 1051 -36.92 -26.22 20.52
N VAL A 1052 -36.24 -26.10 19.38
CA VAL A 1052 -36.60 -26.80 18.17
C VAL A 1052 -35.40 -27.61 17.61
N PRO A 1053 -35.60 -28.91 17.36
CA PRO A 1053 -34.48 -29.70 16.79
C PRO A 1053 -34.24 -29.35 15.31
N VAL A 1054 -32.99 -29.07 14.95
CA VAL A 1054 -32.65 -28.77 13.57
C VAL A 1054 -31.41 -29.54 13.11
N THR A 1055 -31.24 -29.64 11.80
CA THR A 1055 -30.07 -30.31 11.21
C THR A 1055 -29.40 -29.28 10.35
N LEU A 1056 -28.17 -28.91 10.72
CA LEU A 1056 -27.41 -27.91 9.97
C LEU A 1056 -26.25 -28.54 9.25
N GLN A 1057 -25.84 -27.90 8.18
CA GLN A 1057 -24.73 -28.41 7.39
C GLN A 1057 -23.67 -27.34 7.29
N ALA A 1058 -22.61 -27.61 6.53
CA ALA A 1058 -21.53 -26.64 6.35
C ALA A 1058 -22.00 -25.43 5.53
N GLY A 1059 -21.34 -24.30 5.78
CA GLY A 1059 -21.64 -23.06 5.09
C GLY A 1059 -22.83 -22.36 5.67
N ASN A 1060 -23.44 -21.51 4.85
CA ASN A 1060 -24.60 -20.75 5.27
C ASN A 1060 -25.89 -21.60 5.30
N ASN A 1061 -26.53 -21.71 6.46
CA ASN A 1061 -27.78 -22.45 6.56
C ASN A 1061 -28.94 -21.46 6.47
N GLN A 1062 -29.78 -21.64 5.46
CA GLN A 1062 -30.93 -20.78 5.27
C GLN A 1062 -32.05 -21.28 6.21
N VAL A 1063 -32.40 -20.46 7.20
CA VAL A 1063 -33.42 -20.77 8.17
C VAL A 1063 -34.54 -19.74 8.02
N VAL A 1064 -35.68 -20.18 7.49
CA VAL A 1064 -36.81 -19.29 7.26
C VAL A 1064 -37.99 -19.57 8.15
N PHE A 1065 -38.48 -18.50 8.80
CA PHE A 1065 -39.68 -18.54 9.64
C PHE A 1065 -40.81 -17.87 8.85
N ASP A 1066 -41.75 -18.70 8.37
CA ASP A 1066 -42.92 -18.24 7.62
C ASP A 1066 -44.23 -18.38 8.36
N PHE A 1067 -45.16 -17.49 8.02
CA PHE A 1067 -46.53 -17.54 8.53
C PHE A 1067 -47.23 -18.01 7.26
N GLU A 1068 -47.77 -19.22 7.29
CA GLU A 1068 -48.37 -19.78 6.09
C GLU A 1068 -49.87 -19.96 6.27
N ALA A 1069 -50.51 -20.60 5.31
CA ALA A 1069 -51.96 -20.81 5.34
C ALA A 1069 -52.51 -21.32 6.67
N ASP A 1070 -51.92 -22.39 7.20
CA ASP A 1070 -52.42 -23.01 8.44
C ASP A 1070 -51.80 -22.51 9.76
N ASP A 1071 -51.01 -21.44 9.73
CA ASP A 1071 -50.38 -20.90 10.94
C ASP A 1071 -51.28 -19.87 11.65
N THR A 1072 -50.97 -19.56 12.90
CA THR A 1072 -51.78 -18.61 13.68
C THR A 1072 -51.05 -17.75 14.72
N ALA A 1073 -51.80 -16.77 15.21
CA ALA A 1073 -51.42 -15.83 16.27
C ALA A 1073 -50.26 -14.88 16.00
N GLY A 1074 -50.26 -13.80 16.79
CA GLY A 1074 -49.25 -12.77 16.70
C GLY A 1074 -48.07 -13.04 17.62
N ILE A 1075 -46.90 -12.67 17.14
CA ILE A 1075 -45.70 -12.88 17.90
C ILE A 1075 -44.77 -11.68 17.81
N ASN A 1076 -44.00 -11.51 18.88
CA ASN A 1076 -42.87 -10.56 18.93
C ASN A 1076 -41.71 -11.54 18.91
N PHE A 1077 -40.77 -11.36 17.99
CA PHE A 1077 -39.68 -12.34 17.80
C PHE A 1077 -38.33 -11.70 18.05
N ASP A 1078 -37.71 -12.07 19.17
CA ASP A 1078 -36.44 -11.49 19.62
C ASP A 1078 -35.17 -12.03 18.95
N HIS A 1079 -34.99 -13.34 18.98
CA HIS A 1079 -33.81 -13.96 18.41
C HIS A 1079 -33.87 -15.47 18.44
N VAL A 1080 -32.87 -16.07 17.81
CA VAL A 1080 -32.71 -17.53 17.87
C VAL A 1080 -31.26 -17.77 18.29
N VAL A 1081 -31.07 -18.84 19.06
CA VAL A 1081 -29.77 -19.26 19.53
C VAL A 1081 -29.57 -20.71 19.10
N ILE A 1082 -28.37 -21.02 18.61
CA ILE A 1082 -28.02 -22.37 18.19
C ILE A 1082 -27.12 -22.94 19.25
N LYS A 1083 -27.50 -24.12 19.74
CA LYS A 1083 -26.71 -24.78 20.75
C LYS A 1083 -26.70 -26.27 20.49
N LYS A 1084 -25.91 -26.99 21.28
CA LYS A 1084 -25.78 -28.45 21.15
C LYS A 1084 -27.14 -29.14 21.04
MG MG B . 10.65 -16.74 4.56
MG MG C . -2.47 31.17 5.44
MG MG D . -33.34 -9.11 20.12
MG MG E . 11.93 16.20 20.47
MG MG F . -14.00 -0.22 -11.72
MG MG G . -11.83 2.54 35.95
MG MG H . -11.96 -27.13 20.18
MG MG I . 32.03 13.81 -8.86
#